data_8RTC
#
_entry.id   8RTC
#
_cell.length_a   60.600
_cell.length_b   92.660
_cell.length_c   101.970
_cell.angle_alpha   90.000
_cell.angle_beta   107.070
_cell.angle_gamma   90.000
#
_symmetry.space_group_name_H-M   'P 1 21 1'
#
loop_
_entity.id
_entity.type
_entity.pdbx_description
1 polymer Rap3T
2 polymer 'Pheromone RGHTS'
3 non-polymer 'Glycerol ethoxylate'
4 water water
#
loop_
_entity_poly.entity_id
_entity_poly.type
_entity_poly.pdbx_seq_one_letter_code
_entity_poly.pdbx_strand_id
1 'polypeptide(L)'
;MLEQMISSSKVGVKINEWYKYIRLFSVPDSEILKAEVEEEIRHMKEDHDLLLYYSLMCFRHQLMLDYLEPKTLNEERPKI
SDLLEKIESSQTDLKGILEYYFNFFRGMYEFEQYEYLNAISFYKQAERKLSLVADEIERAEFHYKVAEIYYHMKQTHMSM
HHIVQAIDSYKAHENYTVRVIQCSFVIGLNYLDMDYPEKAIPHFKNALDKAREIDMSRLIGSSLYNLGLCSFAEEAYEKA
SEYFKEGIRVYQDNGYEHSNRILDILLMLTKTTFKMRNHSEGISWCAHGLSLSKNLNDEIMAKMFEFIHALYVDNDNEKL
NSILNYLELKSMLSDVEDLASDAAKYYNEKEDHKVAVAYYEKVLYARKQIQRGDCLYET
;
A,B
2 'polypeptide(L)' RGHTS C,D
#
loop_
_chem_comp.id
_chem_comp.type
_chem_comp.name
_chem_comp.formula
A1H22 non-polymer 'Glycerol ethoxylate' 'C39 H80 O21'
#
# COMPACT_ATOMS: atom_id res chain seq x y z
N SER A 7 30.33 -4.97 -41.61
CA SER A 7 29.17 -4.12 -41.40
C SER A 7 28.34 -4.61 -40.22
N SER A 8 28.99 -4.76 -39.07
CA SER A 8 28.30 -5.24 -37.88
C SER A 8 27.31 -4.19 -37.35
N SER A 9 27.65 -2.91 -37.48
CA SER A 9 26.75 -1.85 -37.06
C SER A 9 25.51 -1.78 -37.96
N LYS A 10 25.66 -2.10 -39.24
CA LYS A 10 24.50 -2.05 -40.14
C LYS A 10 23.47 -3.09 -39.77
N VAL A 11 23.91 -4.26 -39.34
CA VAL A 11 22.96 -5.29 -38.95
C VAL A 11 22.41 -5.02 -37.56
N GLY A 12 23.23 -4.53 -36.63
CA GLY A 12 22.66 -4.16 -35.33
C GLY A 12 21.62 -3.06 -35.46
N VAL A 13 21.80 -2.16 -36.44
CA VAL A 13 20.82 -1.12 -36.69
C VAL A 13 19.54 -1.73 -37.24
N LYS A 14 19.68 -2.74 -38.09
CA LYS A 14 18.48 -3.39 -38.59
C LYS A 14 17.78 -4.20 -37.49
N ILE A 15 18.52 -4.70 -36.49
CA ILE A 15 17.88 -5.35 -35.36
C ILE A 15 17.09 -4.32 -34.55
N ASN A 16 17.61 -3.11 -34.46
CA ASN A 16 16.86 -2.05 -33.78
C ASN A 16 15.55 -1.76 -34.49
N GLU A 17 15.59 -1.64 -35.82
CA GLU A 17 14.35 -1.47 -36.57
C GLU A 17 13.41 -2.67 -36.40
N TRP A 18 13.96 -3.88 -36.36
CA TRP A 18 13.15 -5.07 -36.12
C TRP A 18 12.39 -4.95 -34.80
N TYR A 19 13.08 -4.48 -33.75
CA TYR A 19 12.41 -4.26 -32.47
C TYR A 19 11.32 -3.20 -32.60
N LYS A 20 11.60 -2.14 -33.34
CA LYS A 20 10.62 -1.07 -33.49
C LYS A 20 9.35 -1.58 -34.13
N TYR A 21 9.47 -2.42 -35.17
CA TYR A 21 8.28 -2.97 -35.81
C TYR A 21 7.61 -4.03 -34.93
N ILE A 22 8.36 -4.65 -34.03
CA ILE A 22 7.75 -5.59 -33.10
C ILE A 22 6.85 -4.85 -32.12
N ARG A 23 7.34 -3.74 -31.57
CA ARG A 23 6.53 -2.95 -30.63
C ARG A 23 5.33 -2.31 -31.31
N LEU A 24 5.41 -2.02 -32.60
CA LEU A 24 4.29 -1.48 -33.36
C LEU A 24 3.30 -2.56 -33.78
N PHE A 25 3.55 -3.82 -33.44
CA PHE A 25 2.69 -4.94 -33.79
C PHE A 25 2.49 -5.04 -35.31
N SER A 26 3.49 -4.61 -36.07
CA SER A 26 3.48 -4.75 -37.52
C SER A 26 4.15 -6.06 -37.86
N VAL A 27 3.35 -7.07 -38.17
CA VAL A 27 3.86 -8.41 -38.46
C VAL A 27 4.59 -8.46 -39.80
N PRO A 28 4.03 -7.93 -40.90
CA PRO A 28 4.77 -7.99 -42.17
C PRO A 28 6.13 -7.34 -42.12
N ASP A 29 6.25 -6.18 -41.47
CA ASP A 29 7.55 -5.54 -41.33
C ASP A 29 8.49 -6.38 -40.48
N SER A 30 7.95 -6.99 -39.42
CA SER A 30 8.79 -7.84 -38.56
C SER A 30 9.31 -9.05 -39.33
N GLU A 31 8.47 -9.64 -40.20
CA GLU A 31 8.94 -10.78 -40.96
C GLU A 31 9.95 -10.36 -42.02
N ILE A 32 9.75 -9.17 -42.62
CA ILE A 32 10.72 -8.65 -43.58
C ILE A 32 12.08 -8.48 -42.92
N LEU A 33 12.11 -7.81 -41.77
CA LEU A 33 13.39 -7.54 -41.16
C LEU A 33 14.01 -8.78 -40.53
N LYS A 34 13.18 -9.76 -40.13
CA LYS A 34 13.75 -11.04 -39.71
C LYS A 34 14.46 -11.72 -40.86
N ALA A 35 13.86 -11.69 -42.06
CA ALA A 35 14.53 -12.30 -43.21
C ALA A 35 15.78 -11.54 -43.62
N GLU A 36 15.72 -10.21 -43.63
CA GLU A 36 16.89 -9.40 -43.97
C GLU A 36 18.06 -9.70 -43.03
N VAL A 37 17.79 -9.66 -41.72
CA VAL A 37 18.84 -9.88 -40.74
C VAL A 37 19.39 -11.29 -40.87
N GLU A 38 18.50 -12.28 -41.01
CA GLU A 38 18.97 -13.66 -41.12
C GLU A 38 19.85 -13.86 -42.35
N GLU A 39 19.55 -13.17 -43.45
CA GLU A 39 20.45 -13.25 -44.59
C GLU A 39 21.78 -12.58 -44.30
N GLU A 40 21.81 -11.61 -43.39
CA GLU A 40 23.10 -11.01 -43.06
C GLU A 40 23.92 -11.88 -42.11
N ILE A 41 23.25 -12.59 -41.20
CA ILE A 41 23.95 -13.38 -40.18
C ILE A 41 24.88 -14.42 -40.82
N ARG A 42 24.54 -14.92 -41.99
CA ARG A 42 25.33 -15.98 -42.62
C ARG A 42 26.75 -15.50 -42.96
N HIS A 43 26.86 -14.37 -43.65
CA HIS A 43 28.16 -13.78 -44.00
C HIS A 43 28.35 -12.53 -43.14
N MET A 44 28.74 -12.75 -41.89
CA MET A 44 28.89 -11.67 -40.92
C MET A 44 29.99 -12.02 -39.94
N LYS A 45 30.73 -10.99 -39.50
CA LYS A 45 31.69 -11.19 -38.43
C LYS A 45 30.99 -11.41 -37.10
N HIS A 48 30.20 -11.53 -33.13
CA HIS A 48 30.29 -10.90 -31.81
C HIS A 48 29.21 -11.53 -30.94
N ASP A 49 28.81 -10.80 -29.89
CA ASP A 49 27.57 -11.08 -29.18
C ASP A 49 26.36 -10.57 -29.94
N LEU A 50 26.57 -10.10 -31.18
CA LEU A 50 25.46 -9.74 -32.05
C LEU A 50 24.56 -10.94 -32.27
N LEU A 51 25.13 -12.14 -32.28
CA LEU A 51 24.35 -13.36 -32.41
C LEU A 51 23.39 -13.52 -31.24
N LEU A 52 23.78 -13.02 -30.06
CA LEU A 52 22.85 -12.99 -28.94
C LEU A 52 21.77 -11.95 -29.17
N TYR A 53 22.16 -10.74 -29.62
CA TYR A 53 21.16 -9.73 -29.92
C TYR A 53 20.16 -10.27 -30.93
N TYR A 54 20.67 -10.92 -31.98
CA TYR A 54 19.79 -11.55 -32.95
C TYR A 54 18.91 -12.58 -32.28
N SER A 55 19.50 -13.41 -31.42
CA SER A 55 18.69 -14.41 -30.75
C SER A 55 17.71 -13.74 -29.81
N LEU A 56 18.16 -12.69 -29.11
CA LEU A 56 17.23 -11.98 -28.23
C LEU A 56 16.04 -11.47 -29.03
N MET A 57 16.30 -11.01 -30.25
CA MET A 57 15.17 -10.48 -30.99
C MET A 57 14.31 -11.60 -31.54
N CYS A 58 14.93 -12.70 -31.97
CA CYS A 58 14.13 -13.87 -32.33
C CYS A 58 13.26 -14.32 -31.17
N PHE A 59 13.73 -14.12 -29.94
CA PHE A 59 12.90 -14.44 -28.79
C PHE A 59 11.74 -13.46 -28.67
N ARG A 60 12.03 -12.16 -28.69
CA ARG A 60 10.96 -11.17 -28.56
C ARG A 60 9.97 -11.29 -29.71
N HIS A 61 10.47 -11.56 -30.91
CA HIS A 61 9.59 -11.73 -32.05
C HIS A 61 8.63 -12.88 -31.79
N GLN A 62 9.13 -13.94 -31.16
CA GLN A 62 8.27 -15.10 -30.91
C GLN A 62 7.17 -14.73 -29.92
N LEU A 63 7.50 -13.96 -28.89
CA LEU A 63 6.48 -13.54 -27.95
C LEU A 63 5.40 -12.73 -28.63
N MET A 64 5.77 -11.90 -29.61
CA MET A 64 4.73 -11.18 -30.32
C MET A 64 3.86 -12.16 -31.12
N LEU A 65 4.48 -13.11 -31.83
CA LEU A 65 3.71 -14.05 -32.63
C LEU A 65 2.74 -14.85 -31.77
N ASP A 66 3.24 -15.40 -30.66
CA ASP A 66 2.39 -16.16 -29.76
C ASP A 66 1.21 -15.33 -29.29
N TYR A 67 1.44 -14.05 -29.00
CA TYR A 67 0.34 -13.18 -28.57
C TYR A 67 -0.68 -12.99 -29.68
N LEU A 68 -0.23 -12.83 -30.93
CA LEU A 68 -1.17 -12.60 -32.02
C LEU A 68 -1.94 -13.87 -32.37
N GLU A 69 -1.24 -15.00 -32.48
CA GLU A 69 -1.94 -16.24 -32.75
C GLU A 69 -1.28 -17.37 -31.97
N PRO A 70 -1.96 -17.95 -30.96
CA PRO A 70 -1.47 -19.08 -30.18
C PRO A 70 -1.24 -20.32 -31.04
N LYS A 79 10.49 -25.55 -30.17
CA LYS A 79 9.57 -24.67 -29.45
C LYS A 79 10.30 -23.41 -28.99
N ILE A 80 9.71 -22.72 -28.01
CA ILE A 80 10.31 -21.49 -27.48
C ILE A 80 11.54 -21.83 -26.66
N SER A 81 11.55 -23.01 -26.04
CA SER A 81 12.68 -23.44 -25.22
C SER A 81 13.97 -23.55 -26.02
N ASP A 82 13.90 -23.79 -27.34
CA ASP A 82 15.14 -23.79 -28.12
C ASP A 82 15.70 -22.37 -28.21
N LEU A 83 14.82 -21.39 -28.32
CA LEU A 83 15.29 -20.00 -28.30
C LEU A 83 15.82 -19.63 -26.92
N LEU A 84 15.22 -20.20 -25.87
CA LEU A 84 15.75 -19.98 -24.54
C LEU A 84 17.11 -20.65 -24.37
N GLU A 85 17.33 -21.78 -25.05
CA GLU A 85 18.63 -22.41 -24.99
C GLU A 85 19.70 -21.52 -25.65
N LYS A 86 19.38 -20.93 -26.81
CA LYS A 86 20.37 -20.06 -27.44
C LYS A 86 20.54 -18.75 -26.67
N ILE A 87 19.53 -18.33 -25.91
CA ILE A 87 19.67 -17.14 -25.07
C ILE A 87 20.51 -17.45 -23.84
N GLU A 88 20.20 -18.55 -23.16
CA GLU A 88 20.88 -18.97 -21.94
C GLU A 88 22.27 -19.55 -22.20
N SER A 89 22.65 -19.74 -23.46
CA SER A 89 23.96 -20.27 -23.79
C SER A 89 24.95 -19.12 -23.95
N SER A 90 26.05 -19.19 -23.20
CA SER A 90 27.17 -18.26 -23.34
C SER A 90 26.75 -16.81 -23.07
N GLN A 91 26.16 -16.58 -21.90
CA GLN A 91 25.85 -15.21 -21.48
C GLN A 91 26.94 -14.64 -20.58
N THR A 92 28.18 -15.00 -20.89
CA THR A 92 29.34 -14.61 -20.10
C THR A 92 29.74 -13.17 -20.41
N ASP A 93 29.88 -12.35 -19.36
CA ASP A 93 30.33 -10.97 -19.47
C ASP A 93 29.38 -10.10 -20.30
N LEU A 94 28.16 -9.97 -19.78
CA LEU A 94 27.15 -9.11 -20.38
C LEU A 94 27.38 -7.67 -19.96
N LYS A 95 27.01 -6.73 -20.83
CA LYS A 95 27.16 -5.32 -20.50
C LYS A 95 26.28 -4.50 -21.43
N GLY A 96 26.10 -3.23 -21.07
CA GLY A 96 25.36 -2.33 -21.93
C GLY A 96 23.87 -2.64 -21.99
N ILE A 97 23.24 -2.14 -23.06
CA ILE A 97 21.81 -2.34 -23.26
C ILE A 97 21.49 -3.76 -23.68
N LEU A 98 22.48 -4.53 -24.12
CA LEU A 98 22.24 -5.95 -24.38
C LEU A 98 21.87 -6.68 -23.09
N GLU A 99 22.54 -6.34 -21.99
CA GLU A 99 22.19 -6.90 -20.69
C GLU A 99 20.78 -6.50 -20.28
N TYR A 100 20.37 -5.28 -20.65
CA TYR A 100 19.02 -4.82 -20.37
C TYR A 100 18.00 -5.65 -21.12
N TYR A 101 18.19 -5.79 -22.44
CA TYR A 101 17.30 -6.63 -23.23
C TYR A 101 17.26 -8.04 -22.68
N PHE A 102 18.39 -8.55 -22.19
CA PHE A 102 18.44 -9.91 -21.68
C PHE A 102 17.50 -10.05 -20.48
N ASN A 103 17.71 -9.22 -19.45
CA ASN A 103 16.88 -9.37 -18.26
C ASN A 103 15.42 -9.02 -18.55
N PHE A 104 15.16 -8.04 -19.41
CA PHE A 104 13.79 -7.62 -19.68
C PHE A 104 13.01 -8.72 -20.41
N PHE A 105 13.61 -9.30 -21.47
CA PHE A 105 12.92 -10.32 -22.23
C PHE A 105 12.76 -11.60 -21.41
N ARG A 106 13.79 -11.96 -20.62
CA ARG A 106 13.63 -13.14 -19.77
C ARG A 106 12.55 -12.93 -18.72
N GLY A 107 12.37 -11.69 -18.23
CA GLY A 107 11.27 -11.43 -17.32
C GLY A 107 9.92 -11.53 -17.98
N MET A 108 9.82 -11.07 -19.23
CA MET A 108 8.56 -11.23 -19.96
C MET A 108 8.20 -12.71 -20.10
N TYR A 109 9.21 -13.54 -20.40
CA TYR A 109 8.94 -14.96 -20.58
C TYR A 109 8.54 -15.60 -19.25
N GLU A 110 9.26 -15.26 -18.17
CA GLU A 110 8.90 -15.80 -16.87
C GLU A 110 7.49 -15.38 -16.44
N PHE A 111 7.07 -14.17 -16.83
CA PHE A 111 5.70 -13.77 -16.54
C PHE A 111 4.71 -14.62 -17.32
N GLU A 112 5.05 -14.99 -18.56
CA GLU A 112 4.11 -15.79 -19.34
C GLU A 112 3.97 -17.21 -18.78
N GLN A 113 4.93 -17.69 -17.99
CA GLN A 113 4.91 -19.02 -17.41
C GLN A 113 4.43 -19.05 -15.97
N TYR A 114 3.66 -18.04 -15.55
CA TYR A 114 3.17 -17.91 -14.18
C TYR A 114 4.30 -17.87 -13.14
N GLU A 115 5.52 -17.60 -13.57
CA GLU A 115 6.67 -17.49 -12.68
C GLU A 115 6.82 -16.03 -12.30
N TYR A 116 6.16 -15.64 -11.21
CA TYR A 116 6.12 -14.23 -10.84
C TYR A 116 7.35 -13.80 -10.07
N LEU A 117 7.88 -14.67 -9.20
CA LEU A 117 9.09 -14.34 -8.45
C LEU A 117 10.25 -14.09 -9.40
N ASN A 118 10.42 -14.98 -10.38
CA ASN A 118 11.53 -14.84 -11.34
C ASN A 118 11.31 -13.66 -12.25
N ALA A 119 10.08 -13.44 -12.69
CA ALA A 119 9.81 -12.33 -13.60
C ALA A 119 10.06 -10.99 -12.92
N ILE A 120 9.73 -10.89 -11.64
CA ILE A 120 10.02 -9.67 -10.89
C ILE A 120 11.53 -9.52 -10.68
N SER A 121 12.25 -10.62 -10.48
CA SER A 121 13.69 -10.51 -10.29
C SER A 121 14.37 -10.01 -11.57
N PHE A 122 13.90 -10.49 -12.72
CA PHE A 122 14.45 -10.05 -14.00
C PHE A 122 14.04 -8.62 -14.31
N TYR A 123 12.79 -8.25 -13.99
CA TYR A 123 12.36 -6.89 -14.23
C TYR A 123 13.17 -5.91 -13.39
N LYS A 124 13.50 -6.28 -12.15
CA LYS A 124 14.28 -5.35 -11.34
C LYS A 124 15.71 -5.23 -11.85
N GLN A 125 16.25 -6.33 -12.39
CA GLN A 125 17.58 -6.21 -12.97
C GLN A 125 17.56 -5.37 -14.24
N ALA A 126 16.49 -5.46 -15.03
CA ALA A 126 16.37 -4.58 -16.18
C ALA A 126 16.17 -3.13 -15.77
N GLU A 127 15.57 -2.91 -14.59
CA GLU A 127 15.34 -1.55 -14.11
C GLU A 127 16.64 -0.88 -13.72
N ARG A 128 17.62 -1.65 -13.21
CA ARG A 128 18.88 -1.00 -12.83
C ARG A 128 19.59 -0.34 -14.01
N LYS A 129 19.47 -0.90 -15.22
CA LYS A 129 20.10 -0.36 -16.41
C LYS A 129 19.14 0.44 -17.28
N LEU A 130 18.12 1.05 -16.68
CA LEU A 130 17.13 1.76 -17.48
C LEU A 130 17.65 3.09 -18.01
N SER A 131 18.63 3.70 -17.33
CA SER A 131 19.21 4.94 -17.85
C SER A 131 19.95 4.71 -19.16
N LEU A 132 20.38 3.48 -19.43
CA LEU A 132 20.99 3.13 -20.71
C LEU A 132 19.98 3.18 -21.86
N VAL A 133 18.69 3.24 -21.55
CA VAL A 133 17.64 3.23 -22.56
C VAL A 133 17.32 4.66 -22.94
N ALA A 134 17.52 4.99 -24.21
CA ALA A 134 17.30 6.35 -24.70
C ALA A 134 15.92 6.53 -25.31
N ASP A 135 15.37 5.50 -25.94
CA ASP A 135 14.07 5.62 -26.58
C ASP A 135 12.97 5.69 -25.53
N GLU A 136 12.14 6.73 -25.62
CA GLU A 136 11.01 6.87 -24.70
C GLU A 136 10.01 5.75 -24.87
N ILE A 137 9.87 5.24 -26.10
CA ILE A 137 8.94 4.14 -26.35
C ILE A 137 9.44 2.86 -25.68
N GLU A 138 10.74 2.59 -25.74
CA GLU A 138 11.27 1.39 -25.09
C GLU A 138 11.11 1.47 -23.58
N ARG A 139 11.30 2.65 -23.00
CA ARG A 139 11.03 2.81 -21.58
C ARG A 139 9.55 2.67 -21.29
N ALA A 140 8.68 3.03 -22.25
CA ALA A 140 7.26 2.82 -22.04
C ALA A 140 6.92 1.34 -22.05
N GLU A 141 7.61 0.57 -22.90
CA GLU A 141 7.44 -0.88 -22.86
C GLU A 141 7.81 -1.44 -21.50
N PHE A 142 8.96 -1.00 -20.97
CA PHE A 142 9.37 -1.49 -19.66
C PHE A 142 8.36 -1.08 -18.58
N HIS A 143 7.90 0.16 -18.61
CA HIS A 143 6.98 0.63 -17.58
C HIS A 143 5.65 -0.10 -17.65
N TYR A 144 5.19 -0.45 -18.86
CA TYR A 144 3.93 -1.17 -18.97
C TYR A 144 4.07 -2.61 -18.51
N LYS A 145 5.16 -3.30 -18.86
CA LYS A 145 5.28 -4.67 -18.40
C LYS A 145 5.48 -4.75 -16.89
N VAL A 146 6.11 -3.73 -16.29
CA VAL A 146 6.28 -3.72 -14.85
C VAL A 146 4.94 -3.41 -14.17
N ALA A 147 4.17 -2.46 -14.72
CA ALA A 147 2.87 -2.19 -14.15
C ALA A 147 1.93 -3.37 -14.31
N GLU A 148 2.12 -4.17 -15.36
CA GLU A 148 1.29 -5.35 -15.56
C GLU A 148 1.55 -6.37 -14.46
N ILE A 149 2.82 -6.74 -14.27
CA ILE A 149 3.07 -7.74 -13.24
C ILE A 149 2.80 -7.17 -11.85
N TYR A 150 2.80 -5.84 -11.69
CA TYR A 150 2.46 -5.30 -10.38
C TYR A 150 0.97 -5.30 -10.12
N TYR A 151 0.15 -5.15 -11.17
CA TYR A 151 -1.29 -5.35 -11.00
C TYR A 151 -1.61 -6.80 -10.67
N HIS A 152 -1.04 -7.76 -11.41
CA HIS A 152 -1.25 -9.16 -11.04
C HIS A 152 -0.83 -9.46 -9.61
N MET A 153 0.21 -8.80 -9.09
CA MET A 153 0.58 -9.00 -7.69
C MET A 153 -0.17 -8.06 -6.75
N LYS A 154 -1.05 -7.24 -7.31
CA LYS A 154 -1.93 -6.35 -6.55
C LYS A 154 -1.14 -5.33 -5.74
N GLN A 155 0.06 -5.02 -6.22
CA GLN A 155 0.82 -3.86 -5.74
C GLN A 155 0.27 -2.64 -6.47
N THR A 156 -0.91 -2.23 -6.04
CA THR A 156 -1.73 -1.30 -6.82
C THR A 156 -1.03 0.03 -7.03
N HIS A 157 -0.45 0.58 -5.95
CA HIS A 157 0.22 1.88 -6.06
C HIS A 157 1.44 1.81 -6.98
N MET A 158 2.26 0.77 -6.85
CA MET A 158 3.42 0.63 -7.74
C MET A 158 3.00 0.46 -9.20
N SER A 159 1.94 -0.32 -9.42
CA SER A 159 1.44 -0.52 -10.78
C SER A 159 0.95 0.80 -11.36
N MET A 160 0.26 1.61 -10.56
CA MET A 160 -0.20 2.89 -11.06
C MET A 160 0.98 3.80 -11.38
N HIS A 161 2.02 3.75 -10.55
CA HIS A 161 3.20 4.56 -10.77
C HIS A 161 3.80 4.27 -12.13
N HIS A 162 3.93 2.98 -12.47
CA HIS A 162 4.56 2.67 -13.75
C HIS A 162 3.59 2.85 -14.93
N ILE A 163 2.30 2.58 -14.73
CA ILE A 163 1.40 2.59 -15.87
C ILE A 163 1.15 4.01 -16.37
N VAL A 164 1.20 5.00 -15.47
CA VAL A 164 0.96 6.34 -15.99
C VAL A 164 2.14 6.83 -16.84
N GLN A 165 3.37 6.46 -16.44
CA GLN A 165 4.54 6.78 -17.24
C GLN A 165 4.45 6.14 -18.62
N ALA A 166 4.06 4.87 -18.65
CA ALA A 166 4.04 4.17 -19.92
C ALA A 166 2.99 4.76 -20.84
N ILE A 167 1.77 4.96 -20.34
CA ILE A 167 0.71 5.42 -21.22
C ILE A 167 0.98 6.85 -21.67
N ASP A 168 1.61 7.68 -20.84
CA ASP A 168 1.91 9.02 -21.33
C ASP A 168 2.88 8.97 -22.51
N SER A 169 3.87 8.08 -22.44
CA SER A 169 4.80 8.00 -23.58
C SER A 169 4.08 7.43 -24.81
N TYR A 170 3.31 6.36 -24.65
CA TYR A 170 2.60 5.77 -25.78
C TYR A 170 1.65 6.77 -26.44
N LYS A 171 0.80 7.44 -25.64
CA LYS A 171 -0.16 8.38 -26.19
C LYS A 171 0.53 9.56 -26.85
N ALA A 172 1.75 9.91 -26.41
CA ALA A 172 2.46 10.98 -27.11
C ALA A 172 2.81 10.56 -28.54
N HIS A 173 3.05 9.27 -28.77
CA HIS A 173 3.39 8.75 -30.09
C HIS A 173 2.16 8.25 -30.83
N GLU A 174 2.37 7.83 -32.08
CA GLU A 174 1.31 7.35 -32.95
C GLU A 174 1.47 5.86 -33.18
N ASN A 175 0.37 5.23 -33.60
CA ASN A 175 0.32 3.83 -34.02
C ASN A 175 0.62 2.85 -32.89
N TYR A 176 0.70 3.31 -31.64
CA TYR A 176 0.85 2.40 -30.51
C TYR A 176 -0.50 2.11 -29.85
N THR A 177 -1.56 2.00 -30.67
CA THR A 177 -2.91 1.82 -30.15
C THR A 177 -3.03 0.53 -29.34
N VAL A 178 -2.38 -0.54 -29.79
CA VAL A 178 -2.47 -1.82 -29.09
C VAL A 178 -1.93 -1.68 -27.67
N ARG A 179 -0.76 -1.05 -27.54
CA ARG A 179 -0.16 -0.88 -26.22
C ARG A 179 -0.95 0.11 -25.37
N VAL A 180 -1.61 1.09 -26.00
CA VAL A 180 -2.43 2.03 -25.23
C VAL A 180 -3.68 1.33 -24.71
N ILE A 181 -4.28 0.45 -25.53
CA ILE A 181 -5.45 -0.30 -25.07
C ILE A 181 -5.07 -1.17 -23.87
N GLN A 182 -3.90 -1.81 -23.93
CA GLN A 182 -3.46 -2.58 -22.77
C GLN A 182 -3.20 -1.69 -21.56
N CYS A 183 -2.71 -0.46 -21.79
CA CYS A 183 -2.53 0.45 -20.67
C CYS A 183 -3.86 0.87 -20.05
N SER A 184 -4.90 1.03 -20.88
CA SER A 184 -6.23 1.29 -20.35
C SER A 184 -6.71 0.13 -19.51
N PHE A 185 -6.40 -1.10 -19.95
CA PHE A 185 -6.73 -2.28 -19.16
C PHE A 185 -6.11 -2.18 -17.77
N VAL A 186 -4.81 -1.90 -17.71
CA VAL A 186 -4.12 -1.88 -16.41
C VAL A 186 -4.69 -0.77 -15.52
N ILE A 187 -4.94 0.41 -16.11
CA ILE A 187 -5.42 1.55 -15.33
C ILE A 187 -6.78 1.24 -14.72
N GLY A 188 -7.73 0.85 -15.57
CA GLY A 188 -9.06 0.54 -15.07
C GLY A 188 -9.04 -0.60 -14.06
N LEU A 189 -8.23 -1.63 -14.32
CA LEU A 189 -8.19 -2.76 -13.39
C LEU A 189 -7.62 -2.36 -12.03
N ASN A 190 -6.74 -1.36 -11.98
CA ASN A 190 -6.30 -0.91 -10.66
C ASN A 190 -7.40 -0.13 -9.96
N TYR A 191 -8.16 0.66 -10.72
CA TYR A 191 -9.32 1.33 -10.10
C TYR A 191 -10.31 0.30 -9.57
N LEU A 192 -10.50 -0.81 -10.30
CA LEU A 192 -11.39 -1.87 -9.83
C LEU A 192 -10.83 -2.54 -8.58
N ASP A 193 -9.51 -2.71 -8.51
CA ASP A 193 -8.92 -3.26 -7.30
C ASP A 193 -9.04 -2.32 -6.12
N MET A 194 -9.41 -1.06 -6.35
CA MET A 194 -9.68 -0.15 -5.24
C MET A 194 -11.18 0.06 -5.00
N ASP A 195 -12.02 -0.85 -5.50
CA ASP A 195 -13.48 -0.77 -5.29
C ASP A 195 -14.07 0.46 -5.96
N TYR A 196 -13.57 0.78 -7.15
CA TYR A 196 -14.06 1.90 -7.95
C TYR A 196 -14.45 1.40 -9.33
N PRO A 197 -15.53 0.61 -9.44
CA PRO A 197 -15.91 0.09 -10.75
C PRO A 197 -16.38 1.18 -11.70
N GLU A 198 -17.12 2.16 -11.19
CA GLU A 198 -17.57 3.26 -12.05
C GLU A 198 -16.41 4.13 -12.52
N LYS A 199 -15.27 4.09 -11.85
CA LYS A 199 -14.08 4.75 -12.35
C LYS A 199 -13.31 3.88 -13.34
N ALA A 200 -13.55 2.57 -13.32
CA ALA A 200 -12.87 1.65 -14.23
C ALA A 200 -13.62 1.44 -15.54
N ILE A 201 -14.96 1.61 -15.52
CA ILE A 201 -15.72 1.43 -16.76
C ILE A 201 -15.32 2.38 -17.86
N PRO A 202 -15.06 3.67 -17.63
CA PRO A 202 -14.66 4.53 -18.76
C PRO A 202 -13.41 4.05 -19.48
N HIS A 203 -12.40 3.56 -18.75
CA HIS A 203 -11.17 3.12 -19.40
C HIS A 203 -11.39 1.83 -20.19
N PHE A 204 -12.11 0.87 -19.62
CA PHE A 204 -12.39 -0.37 -20.33
C PHE A 204 -13.24 -0.11 -21.57
N LYS A 205 -14.23 0.77 -21.47
CA LYS A 205 -15.04 1.12 -22.63
C LYS A 205 -14.21 1.81 -23.71
N ASN A 206 -13.38 2.78 -23.32
CA ASN A 206 -12.52 3.47 -24.27
C ASN A 206 -11.63 2.47 -25.02
N ALA A 207 -11.07 1.51 -24.28
CA ALA A 207 -10.24 0.49 -24.90
C ALA A 207 -11.07 -0.40 -25.81
N LEU A 208 -12.34 -0.65 -25.47
CA LEU A 208 -13.21 -1.47 -26.31
C LEU A 208 -13.48 -0.81 -27.65
N ASP A 209 -13.79 0.50 -27.62
CA ASP A 209 -14.05 1.21 -28.87
C ASP A 209 -12.82 1.18 -29.76
N LYS A 210 -11.64 1.44 -29.16
CA LYS A 210 -10.43 1.41 -29.97
C LYS A 210 -10.06 0.00 -30.40
N ALA A 211 -10.53 -1.00 -29.65
CA ALA A 211 -10.29 -2.39 -30.01
C ALA A 211 -11.08 -2.78 -31.24
N ARG A 212 -12.29 -2.25 -31.39
CA ARG A 212 -12.98 -2.55 -32.64
C ARG A 212 -12.54 -1.62 -33.78
N GLU A 213 -11.79 -0.55 -33.49
CA GLU A 213 -11.25 0.23 -34.60
C GLU A 213 -10.17 -0.53 -35.37
N ILE A 214 -9.18 -1.09 -34.66
CA ILE A 214 -8.14 -1.90 -35.31
C ILE A 214 -8.57 -3.34 -35.51
N ASP A 215 -9.81 -3.68 -35.13
CA ASP A 215 -10.38 -5.00 -35.36
C ASP A 215 -9.51 -6.09 -34.72
N MET A 216 -9.16 -5.87 -33.46
CA MET A 216 -8.31 -6.76 -32.69
C MET A 216 -9.24 -7.60 -31.83
N SER A 217 -9.57 -8.80 -32.33
CA SER A 217 -10.59 -9.61 -31.68
C SER A 217 -10.20 -9.96 -30.26
N ARG A 218 -8.93 -10.32 -30.06
CA ARG A 218 -8.45 -10.66 -28.72
C ARG A 218 -8.64 -9.49 -27.75
N LEU A 219 -8.26 -8.28 -28.18
CA LEU A 219 -8.44 -7.11 -27.32
C LEU A 219 -9.91 -6.81 -27.10
N ILE A 220 -10.77 -7.06 -28.09
CA ILE A 220 -12.20 -6.83 -27.90
C ILE A 220 -12.73 -7.75 -26.81
N GLY A 221 -12.45 -9.04 -26.93
CA GLY A 221 -12.92 -9.98 -25.93
C GLY A 221 -12.37 -9.67 -24.54
N SER A 222 -11.11 -9.22 -24.47
CA SER A 222 -10.57 -8.83 -23.17
C SER A 222 -11.25 -7.58 -22.61
N SER A 223 -11.68 -6.67 -23.48
CA SER A 223 -12.41 -5.51 -22.99
C SER A 223 -13.78 -5.91 -22.46
N LEU A 224 -14.44 -6.84 -23.16
CA LEU A 224 -15.71 -7.35 -22.68
C LEU A 224 -15.55 -8.04 -21.34
N TYR A 225 -14.46 -8.77 -21.17
CA TYR A 225 -14.20 -9.46 -19.89
C TYR A 225 -13.98 -8.47 -18.76
N ASN A 226 -13.15 -7.44 -18.97
CA ASN A 226 -12.90 -6.49 -17.88
C ASN A 226 -14.18 -5.72 -17.51
N LEU A 227 -14.99 -5.37 -18.53
CA LEU A 227 -16.26 -4.68 -18.24
C LEU A 227 -17.19 -5.60 -17.46
N GLY A 228 -17.19 -6.90 -17.77
CA GLY A 228 -17.97 -7.83 -17.00
C GLY A 228 -17.48 -7.94 -15.57
N LEU A 229 -16.17 -7.80 -15.36
CA LEU A 229 -15.68 -7.75 -13.99
C LEU A 229 -16.23 -6.53 -13.27
N CYS A 230 -16.45 -5.43 -14.00
CA CYS A 230 -17.06 -4.27 -13.37
C CYS A 230 -18.50 -4.56 -12.96
N SER A 231 -19.29 -5.16 -13.85
CA SER A 231 -20.66 -5.52 -13.47
C SER A 231 -20.69 -6.54 -12.33
N PHE A 232 -19.70 -7.43 -12.27
CA PHE A 232 -19.60 -8.38 -11.16
C PHE A 232 -19.37 -7.66 -9.83
N ALA A 233 -18.50 -6.65 -9.84
CA ALA A 233 -18.25 -5.92 -8.61
C ALA A 233 -19.49 -5.17 -8.14
N GLU A 234 -20.33 -4.71 -9.06
CA GLU A 234 -21.57 -4.02 -8.72
C GLU A 234 -22.74 -4.98 -8.57
N GLU A 235 -22.48 -6.29 -8.56
CA GLU A 235 -23.48 -7.34 -8.34
C GLU A 235 -24.60 -7.30 -9.37
N ALA A 236 -24.33 -6.70 -10.53
CA ALA A 236 -25.22 -6.79 -11.69
C ALA A 236 -24.83 -8.05 -12.45
N TYR A 237 -25.21 -9.19 -11.89
CA TYR A 237 -24.67 -10.46 -12.36
C TYR A 237 -25.13 -10.81 -13.77
N GLU A 238 -26.33 -10.39 -14.17
CA GLU A 238 -26.77 -10.64 -15.55
C GLU A 238 -25.88 -9.91 -16.54
N LYS A 239 -25.66 -8.62 -16.32
CA LYS A 239 -24.85 -7.85 -17.26
C LYS A 239 -23.42 -8.37 -17.29
N ALA A 240 -22.95 -8.90 -16.15
CA ALA A 240 -21.65 -9.52 -16.12
C ALA A 240 -21.62 -10.76 -16.99
N SER A 241 -22.65 -11.61 -16.86
CA SER A 241 -22.72 -12.83 -17.67
C SER A 241 -22.87 -12.49 -19.15
N GLU A 242 -23.54 -11.37 -19.47
CA GLU A 242 -23.63 -10.92 -20.85
C GLU A 242 -22.26 -10.57 -21.41
N TYR A 243 -21.47 -9.82 -20.63
CA TYR A 243 -20.11 -9.51 -21.06
C TYR A 243 -19.28 -10.78 -21.17
N PHE A 244 -19.42 -11.70 -20.22
CA PHE A 244 -18.64 -12.93 -20.23
C PHE A 244 -19.01 -13.83 -21.41
N LYS A 245 -20.31 -13.91 -21.72
CA LYS A 245 -20.77 -14.71 -22.84
C LYS A 245 -20.26 -14.14 -24.15
N GLU A 246 -20.40 -12.82 -24.33
CA GLU A 246 -19.93 -12.23 -25.58
C GLU A 246 -18.41 -12.26 -25.68
N GLY A 247 -17.68 -12.17 -24.56
CA GLY A 247 -16.24 -12.33 -24.61
C GLY A 247 -15.82 -13.75 -24.97
N ILE A 248 -16.54 -14.74 -24.45
CA ILE A 248 -16.30 -16.13 -24.82
C ILE A 248 -16.60 -16.33 -26.30
N ARG A 249 -17.68 -15.72 -26.77
CA ARG A 249 -18.02 -15.81 -28.19
C ARG A 249 -16.92 -15.20 -29.05
N VAL A 250 -16.49 -13.98 -28.70
CA VAL A 250 -15.48 -13.31 -29.49
C VAL A 250 -14.18 -14.10 -29.50
N TYR A 251 -13.81 -14.69 -28.35
CA TYR A 251 -12.60 -15.48 -28.31
C TYR A 251 -12.72 -16.74 -29.16
N GLN A 252 -13.76 -17.55 -28.93
CA GLN A 252 -13.87 -18.81 -29.65
C GLN A 252 -14.48 -18.67 -31.05
N ASP A 253 -14.64 -17.46 -31.58
CA ASP A 253 -15.06 -17.26 -32.96
C ASP A 253 -14.00 -16.63 -33.84
N ASN A 254 -12.81 -16.33 -33.30
CA ASN A 254 -11.76 -15.63 -34.02
C ASN A 254 -10.40 -16.31 -33.87
N GLY A 255 -10.38 -17.63 -33.77
CA GLY A 255 -9.13 -18.35 -33.70
C GLY A 255 -8.44 -18.34 -32.36
N TYR A 256 -9.17 -18.03 -31.28
CA TYR A 256 -8.64 -18.05 -29.92
C TYR A 256 -9.33 -19.10 -29.06
N GLU A 257 -9.66 -20.24 -29.66
CA GLU A 257 -10.28 -21.33 -28.92
C GLU A 257 -9.34 -21.90 -27.84
N HIS A 258 -8.04 -21.94 -28.10
CA HIS A 258 -7.10 -22.57 -27.18
C HIS A 258 -6.12 -21.56 -26.60
N SER A 259 -6.57 -20.34 -26.33
CA SER A 259 -5.76 -19.35 -25.63
C SER A 259 -6.08 -19.43 -24.14
N ASN A 260 -5.03 -19.50 -23.31
CA ASN A 260 -5.23 -19.74 -21.88
C ASN A 260 -6.10 -18.69 -21.21
N ARG A 261 -6.02 -17.46 -21.71
CA ARG A 261 -6.73 -16.33 -21.06
C ARG A 261 -8.24 -16.48 -21.18
N ILE A 262 -8.73 -17.29 -22.11
CA ILE A 262 -10.16 -17.50 -22.23
C ILE A 262 -10.68 -18.21 -20.99
N LEU A 263 -9.79 -18.89 -20.25
CA LEU A 263 -10.25 -19.55 -19.04
C LEU A 263 -10.65 -18.52 -18.01
N ASP A 264 -9.92 -17.39 -17.96
CA ASP A 264 -10.30 -16.32 -17.03
C ASP A 264 -11.71 -15.82 -17.32
N ILE A 265 -12.16 -15.95 -18.56
CA ILE A 265 -13.52 -15.52 -18.83
C ILE A 265 -14.49 -16.63 -18.45
N LEU A 266 -14.20 -17.87 -18.83
CA LEU A 266 -15.09 -18.96 -18.47
C LEU A 266 -15.24 -19.04 -16.97
N LEU A 267 -14.13 -18.85 -16.26
CA LEU A 267 -14.16 -18.99 -14.80
C LEU A 267 -15.08 -17.95 -14.20
N MET A 268 -14.99 -16.69 -14.68
CA MET A 268 -15.88 -15.69 -14.11
C MET A 268 -17.32 -16.02 -14.41
N LEU A 269 -17.60 -16.51 -15.63
CA LEU A 269 -18.98 -16.87 -15.93
C LEU A 269 -19.45 -17.98 -15.01
N THR A 270 -18.54 -18.88 -14.63
CA THR A 270 -18.90 -19.96 -13.71
C THR A 270 -19.31 -19.40 -12.35
N LYS A 271 -18.56 -18.41 -11.84
CA LYS A 271 -19.00 -17.77 -10.61
C LYS A 271 -20.33 -17.07 -10.81
N THR A 272 -20.49 -16.36 -11.94
CA THR A 272 -21.67 -15.53 -12.09
C THR A 272 -22.92 -16.38 -12.22
N THR A 273 -22.88 -17.40 -13.06
CA THR A 273 -24.03 -18.28 -13.20
C THR A 273 -24.32 -18.96 -11.88
N PHE A 274 -23.28 -19.26 -11.10
CA PHE A 274 -23.51 -19.88 -9.80
C PHE A 274 -24.11 -18.88 -8.81
N LYS A 275 -23.67 -17.63 -8.85
CA LYS A 275 -24.24 -16.62 -7.96
C LYS A 275 -25.68 -16.29 -8.30
N MET A 276 -26.10 -16.43 -9.56
CA MET A 276 -27.49 -16.19 -9.92
C MET A 276 -28.40 -17.37 -9.58
N ARG A 277 -27.93 -18.30 -8.75
CA ARG A 277 -28.71 -19.47 -8.33
C ARG A 277 -29.17 -20.32 -9.51
N ASN A 278 -28.46 -20.26 -10.63
CA ASN A 278 -28.70 -21.16 -11.76
C ASN A 278 -27.69 -22.29 -11.65
N HIS A 279 -28.06 -23.27 -10.81
CA HIS A 279 -27.12 -24.33 -10.46
C HIS A 279 -26.78 -25.20 -11.67
N SER A 280 -27.73 -25.44 -12.57
CA SER A 280 -27.48 -26.35 -13.69
C SER A 280 -26.52 -25.74 -14.71
N GLU A 281 -26.77 -24.49 -15.12
CA GLU A 281 -25.86 -23.86 -16.06
C GLU A 281 -24.48 -23.70 -15.44
N GLY A 282 -24.41 -23.41 -14.15
CA GLY A 282 -23.12 -23.32 -13.47
C GLY A 282 -22.40 -24.65 -13.47
N ILE A 283 -23.15 -25.75 -13.33
CA ILE A 283 -22.57 -27.09 -13.41
C ILE A 283 -21.93 -27.29 -14.78
N SER A 284 -22.64 -26.90 -15.83
CA SER A 284 -22.09 -27.09 -17.17
C SER A 284 -20.90 -26.18 -17.42
N TRP A 285 -20.95 -24.94 -16.94
CA TRP A 285 -19.86 -23.99 -17.18
C TRP A 285 -18.59 -24.41 -16.44
N CYS A 286 -18.73 -24.89 -15.21
CA CYS A 286 -17.54 -25.36 -14.49
C CYS A 286 -16.97 -26.57 -15.20
N ALA A 287 -17.84 -27.39 -15.80
CA ALA A 287 -17.33 -28.55 -16.54
C ALA A 287 -16.60 -28.11 -17.81
N HIS A 288 -17.14 -27.11 -18.50
CA HIS A 288 -16.49 -26.62 -19.71
C HIS A 288 -15.11 -26.11 -19.39
N GLY A 289 -15.00 -25.34 -18.30
CA GLY A 289 -13.72 -24.76 -17.94
C GLY A 289 -12.73 -25.77 -17.41
N LEU A 290 -13.18 -26.73 -16.62
CA LEU A 290 -12.24 -27.74 -16.12
C LEU A 290 -11.69 -28.58 -17.26
N SER A 291 -12.55 -28.93 -18.23
CA SER A 291 -12.08 -29.75 -19.34
C SER A 291 -11.11 -28.97 -20.22
N LEU A 292 -11.50 -27.74 -20.62
CA LEU A 292 -10.60 -26.98 -21.49
C LEU A 292 -9.30 -26.64 -20.79
N SER A 293 -9.33 -26.44 -19.46
CA SER A 293 -8.10 -26.16 -18.73
C SER A 293 -7.18 -27.37 -18.72
N LYS A 294 -7.73 -28.58 -18.60
CA LYS A 294 -6.89 -29.75 -18.72
C LYS A 294 -6.35 -29.90 -20.14
N ASN A 295 -7.15 -29.51 -21.14
CA ASN A 295 -6.71 -29.62 -22.53
C ASN A 295 -5.53 -28.69 -22.83
N LEU A 296 -5.62 -27.43 -22.39
CA LEU A 296 -4.53 -26.46 -22.59
C LEU A 296 -3.39 -26.64 -21.60
N ASN A 297 -3.46 -27.63 -20.72
CA ASN A 297 -2.37 -27.95 -19.79
C ASN A 297 -1.97 -26.75 -18.95
N ASP A 298 -2.96 -26.14 -18.29
CA ASP A 298 -2.76 -25.03 -17.36
C ASP A 298 -3.21 -25.52 -15.98
N GLU A 299 -2.25 -25.90 -15.13
CA GLU A 299 -2.59 -26.38 -13.80
C GLU A 299 -3.14 -25.28 -12.90
N ILE A 300 -2.68 -24.04 -13.09
CA ILE A 300 -3.14 -22.92 -12.26
C ILE A 300 -4.65 -22.71 -12.46
N MET A 301 -5.06 -22.51 -13.71
CA MET A 301 -6.47 -22.27 -13.98
C MET A 301 -7.31 -23.50 -13.65
N ALA A 302 -6.74 -24.70 -13.82
CA ALA A 302 -7.46 -25.91 -13.47
C ALA A 302 -7.77 -25.95 -11.99
N LYS A 303 -6.76 -25.71 -11.15
CA LYS A 303 -7.06 -25.72 -9.72
C LYS A 303 -7.99 -24.59 -9.33
N MET A 304 -8.10 -23.55 -10.15
CA MET A 304 -9.05 -22.51 -9.79
C MET A 304 -10.46 -22.88 -10.19
N PHE A 305 -10.65 -23.67 -11.24
CA PHE A 305 -11.97 -24.26 -11.46
C PHE A 305 -12.30 -25.32 -10.41
N GLU A 306 -11.28 -26.01 -9.90
CA GLU A 306 -11.49 -27.00 -8.85
C GLU A 306 -11.99 -26.33 -7.57
N PHE A 307 -11.53 -25.11 -7.30
CA PHE A 307 -12.02 -24.41 -6.12
C PHE A 307 -13.51 -24.13 -6.23
N ILE A 308 -13.94 -23.57 -7.36
CA ILE A 308 -15.35 -23.23 -7.55
C ILE A 308 -16.21 -24.48 -7.48
N HIS A 309 -15.72 -25.60 -8.02
CA HIS A 309 -16.49 -26.84 -7.93
C HIS A 309 -16.57 -27.35 -6.49
N ALA A 310 -15.43 -27.47 -5.81
CA ALA A 310 -15.41 -27.96 -4.43
C ALA A 310 -16.18 -27.05 -3.48
N LEU A 311 -16.44 -25.80 -3.87
CA LEU A 311 -17.14 -24.86 -3.01
C LEU A 311 -18.64 -24.83 -3.29
N TYR A 312 -19.01 -24.73 -4.56
CA TYR A 312 -20.39 -24.51 -4.98
C TYR A 312 -21.14 -25.80 -5.28
N VAL A 313 -20.49 -26.96 -5.20
CA VAL A 313 -21.14 -28.23 -5.52
C VAL A 313 -21.25 -29.11 -4.29
N ASP A 314 -20.11 -29.59 -3.78
CA ASP A 314 -20.09 -30.54 -2.67
C ASP A 314 -19.54 -29.98 -1.37
N ASN A 315 -19.18 -28.69 -1.32
CA ASN A 315 -18.77 -28.02 -0.08
C ASN A 315 -17.57 -28.72 0.57
N ASP A 316 -16.56 -29.02 -0.25
CA ASP A 316 -15.36 -29.72 0.21
C ASP A 316 -14.36 -28.67 0.70
N ASN A 317 -14.26 -28.51 2.02
CA ASN A 317 -13.43 -27.43 2.56
C ASN A 317 -11.95 -27.79 2.61
N GLU A 318 -11.62 -29.06 2.90
CA GLU A 318 -10.22 -29.45 2.88
C GLU A 318 -9.62 -29.26 1.49
N LYS A 319 -10.42 -29.52 0.45
CA LYS A 319 -9.97 -29.26 -0.92
C LYS A 319 -9.77 -27.77 -1.15
N LEU A 320 -10.67 -26.94 -0.60
CA LEU A 320 -10.52 -25.50 -0.75
C LEU A 320 -9.22 -25.02 -0.13
N ASN A 321 -8.92 -25.47 1.09
CA ASN A 321 -7.67 -25.04 1.73
C ASN A 321 -6.44 -25.60 1.02
N SER A 322 -6.54 -26.80 0.44
CA SER A 322 -5.41 -27.33 -0.31
C SER A 322 -5.13 -26.46 -1.54
N ILE A 323 -6.20 -26.04 -2.23
CA ILE A 323 -6.03 -25.17 -3.39
C ILE A 323 -5.51 -23.80 -2.98
N LEU A 324 -6.04 -23.24 -1.89
CA LEU A 324 -5.57 -21.93 -1.45
C LEU A 324 -4.09 -21.95 -1.09
N ASN A 325 -3.63 -23.05 -0.47
CA ASN A 325 -2.20 -23.15 -0.17
C ASN A 325 -1.40 -23.31 -1.45
N TYR A 326 -1.90 -24.10 -2.40
CA TYR A 326 -1.23 -24.24 -3.69
C TYR A 326 -1.07 -22.88 -4.35
N LEU A 327 -2.14 -22.10 -4.38
CA LEU A 327 -2.11 -20.78 -4.99
C LEU A 327 -1.20 -19.83 -4.23
N GLU A 328 -0.97 -20.07 -2.94
CA GLU A 328 -0.03 -19.21 -2.22
C GLU A 328 1.41 -19.55 -2.57
N LEU A 329 1.74 -20.85 -2.68
CA LEU A 329 3.10 -21.21 -3.04
C LEU A 329 3.48 -20.73 -4.43
N LYS A 330 2.52 -20.47 -5.31
CA LYS A 330 2.78 -19.83 -6.59
C LYS A 330 2.88 -18.31 -6.49
N SER A 331 2.85 -17.75 -5.28
CA SER A 331 2.88 -16.30 -5.07
C SER A 331 1.73 -15.62 -5.82
N MET A 332 0.55 -16.22 -5.76
CA MET A 332 -0.64 -15.64 -6.36
C MET A 332 -1.63 -15.30 -5.25
N LEU A 333 -1.19 -14.50 -4.28
CA LEU A 333 -2.04 -14.14 -3.14
C LEU A 333 -3.29 -13.38 -3.56
N SER A 334 -3.26 -12.75 -4.73
CA SER A 334 -4.45 -12.08 -5.25
C SER A 334 -5.58 -13.08 -5.50
N ASP A 335 -5.28 -14.17 -6.22
CA ASP A 335 -6.30 -15.17 -6.47
C ASP A 335 -6.67 -15.91 -5.19
N VAL A 336 -5.74 -16.01 -4.23
CA VAL A 336 -6.05 -16.56 -2.93
C VAL A 336 -7.12 -15.72 -2.26
N GLU A 337 -6.97 -14.39 -2.32
CA GLU A 337 -7.94 -13.52 -1.68
C GLU A 337 -9.28 -13.59 -2.38
N ASP A 338 -9.28 -13.62 -3.72
CA ASP A 338 -10.54 -13.69 -4.45
C ASP A 338 -11.32 -14.95 -4.09
N LEU A 339 -10.62 -16.10 -4.04
CA LEU A 339 -11.32 -17.35 -3.79
C LEU A 339 -11.81 -17.43 -2.34
N ALA A 340 -10.97 -17.02 -1.38
CA ALA A 340 -11.44 -16.99 0.00
C ALA A 340 -12.59 -16.01 0.18
N SER A 341 -12.66 -14.97 -0.66
CA SER A 341 -13.82 -14.08 -0.61
C SER A 341 -15.07 -14.80 -1.08
N ASP A 342 -14.91 -15.63 -2.12
CA ASP A 342 -16.06 -16.38 -2.63
C ASP A 342 -16.58 -17.33 -1.55
N ALA A 343 -15.67 -18.05 -0.89
CA ALA A 343 -16.08 -19.03 0.08
C ALA A 343 -16.65 -18.39 1.35
N ALA A 344 -16.04 -17.30 1.83
CA ALA A 344 -16.55 -16.67 3.03
C ALA A 344 -17.94 -16.11 2.80
N LYS A 345 -18.17 -15.50 1.63
CA LYS A 345 -19.50 -14.97 1.36
C LYS A 345 -20.52 -16.11 1.20
N TYR A 346 -20.18 -17.14 0.42
CA TYR A 346 -21.10 -18.24 0.18
C TYR A 346 -21.50 -18.93 1.48
N TYR A 347 -20.52 -19.21 2.36
CA TYR A 347 -20.86 -19.84 3.64
C TYR A 347 -21.57 -18.89 4.57
N ASN A 348 -21.36 -17.58 4.43
CA ASN A 348 -22.09 -16.63 5.25
C ASN A 348 -23.56 -16.58 4.85
N GLU A 349 -23.84 -16.63 3.55
CA GLU A 349 -25.21 -16.66 3.04
C GLU A 349 -25.94 -17.93 3.47
N LYS A 350 -25.22 -19.04 3.63
CA LYS A 350 -25.81 -20.30 4.07
C LYS A 350 -25.88 -20.42 5.58
N GLU A 351 -25.80 -19.31 6.32
CA GLU A 351 -25.84 -19.30 7.78
C GLU A 351 -24.78 -20.17 8.44
N ASP A 352 -23.78 -20.63 7.67
CA ASP A 352 -22.67 -21.40 8.23
C ASP A 352 -21.55 -20.45 8.61
N HIS A 353 -21.80 -19.72 9.71
CA HIS A 353 -20.92 -18.62 10.11
C HIS A 353 -19.59 -19.09 10.69
N LYS A 354 -19.49 -20.34 11.12
CA LYS A 354 -18.20 -20.86 11.61
C LYS A 354 -17.18 -20.96 10.49
N VAL A 355 -17.54 -21.62 9.40
CA VAL A 355 -16.61 -21.75 8.30
C VAL A 355 -16.52 -20.44 7.53
N ALA A 356 -17.58 -19.62 7.59
CA ALA A 356 -17.49 -18.28 7.02
C ALA A 356 -16.48 -17.44 7.78
N VAL A 357 -16.38 -17.63 9.10
CA VAL A 357 -15.34 -16.98 9.89
C VAL A 357 -13.98 -17.41 9.39
N ALA A 358 -13.82 -18.71 9.15
CA ALA A 358 -12.48 -19.19 8.76
C ALA A 358 -12.04 -18.57 7.43
N TYR A 359 -12.97 -18.47 6.47
CA TYR A 359 -12.53 -17.98 5.17
C TYR A 359 -12.41 -16.45 5.13
N TYR A 360 -13.20 -15.72 5.93
CA TYR A 360 -12.96 -14.29 6.08
C TYR A 360 -11.57 -14.04 6.69
N GLU A 361 -11.18 -14.88 7.66
CA GLU A 361 -9.84 -14.76 8.22
C GLU A 361 -8.78 -14.98 7.15
N LYS A 362 -9.03 -15.91 6.22
CA LYS A 362 -8.05 -16.09 5.16
C LYS A 362 -7.99 -14.90 4.22
N VAL A 363 -9.11 -14.21 4.02
CA VAL A 363 -9.05 -12.99 3.21
C VAL A 363 -8.16 -11.95 3.91
N LEU A 364 -8.28 -11.87 5.24
CA LEU A 364 -7.43 -10.93 5.98
C LEU A 364 -5.96 -11.31 5.84
N TYR A 365 -5.65 -12.61 5.94
CA TYR A 365 -4.27 -13.08 5.80
C TYR A 365 -3.71 -12.73 4.43
N ALA A 366 -4.50 -12.95 3.37
CA ALA A 366 -4.01 -12.66 2.02
C ALA A 366 -3.77 -11.16 1.84
N ARG A 367 -4.68 -10.33 2.34
CA ARG A 367 -4.49 -8.89 2.21
C ARG A 367 -3.23 -8.42 2.92
N LYS A 368 -2.96 -8.96 4.12
CA LYS A 368 -1.73 -8.58 4.80
C LYS A 368 -0.50 -9.07 4.05
N GLN A 369 -0.56 -10.28 3.50
CA GLN A 369 0.57 -10.80 2.71
C GLN A 369 0.86 -9.91 1.52
N ILE A 370 -0.17 -9.42 0.84
CA ILE A 370 0.05 -8.56 -0.33
C ILE A 370 0.84 -7.31 0.02
N GLN A 371 0.82 -6.90 1.29
CA GLN A 371 1.62 -5.75 1.72
C GLN A 371 3.03 -6.18 2.11
N SER B 7 16.90 46.83 13.67
CA SER B 7 16.84 46.35 12.29
C SER B 7 16.05 45.05 12.20
N SER B 8 15.28 44.90 11.12
CA SER B 8 14.46 43.70 10.96
C SER B 8 15.31 42.48 10.67
N SER B 9 16.43 42.63 9.97
CA SER B 9 17.32 41.51 9.75
C SER B 9 17.98 41.06 11.05
N LYS B 10 18.30 42.03 11.92
CA LYS B 10 18.92 41.72 13.20
C LYS B 10 17.97 40.93 14.09
N VAL B 11 16.66 41.14 13.92
CA VAL B 11 15.66 40.37 14.66
C VAL B 11 15.37 39.02 14.01
N GLY B 12 15.27 38.98 12.68
CA GLY B 12 15.01 37.71 12.01
C GLY B 12 16.12 36.69 12.20
N VAL B 13 17.36 37.16 12.31
CA VAL B 13 18.43 36.21 12.57
C VAL B 13 18.30 35.63 13.97
N LYS B 14 17.87 36.45 14.93
CA LYS B 14 17.70 35.93 16.27
C LYS B 14 16.51 35.00 16.37
N ILE B 15 15.48 35.22 15.55
CA ILE B 15 14.36 34.28 15.54
C ILE B 15 14.80 32.95 14.92
N ASN B 16 15.66 33.00 13.91
CA ASN B 16 16.19 31.75 13.34
C ASN B 16 16.99 30.97 14.39
N GLU B 17 17.85 31.66 15.12
CA GLU B 17 18.58 31.00 16.20
C GLU B 17 17.62 30.42 17.25
N TRP B 18 16.55 31.15 17.55
CA TRP B 18 15.52 30.65 18.45
C TRP B 18 14.96 29.32 17.95
N TYR B 19 14.75 29.22 16.64
CA TYR B 19 14.29 27.96 16.07
C TYR B 19 15.33 26.86 16.24
N LYS B 20 16.62 27.21 16.04
CA LYS B 20 17.68 26.22 16.19
C LYS B 20 17.69 25.65 17.60
N TYR B 21 17.51 26.51 18.61
CA TYR B 21 17.50 26.02 20.00
C TYR B 21 16.21 25.30 20.33
N ILE B 22 15.11 25.60 19.63
CA ILE B 22 13.87 24.89 19.87
C ILE B 22 13.97 23.45 19.35
N ARG B 23 14.51 23.27 18.15
CA ARG B 23 14.66 21.91 17.63
C ARG B 23 15.67 21.12 18.45
N LEU B 24 16.63 21.78 19.08
CA LEU B 24 17.59 21.13 19.96
C LEU B 24 17.05 20.86 21.35
N PHE B 25 15.79 21.24 21.62
CA PHE B 25 15.15 21.04 22.92
C PHE B 25 15.93 21.71 24.05
N SER B 26 16.61 22.81 23.73
CA SER B 26 17.31 23.60 24.74
C SER B 26 16.36 24.67 25.26
N VAL B 27 15.79 24.44 26.44
CA VAL B 27 14.83 25.36 27.03
C VAL B 27 15.50 26.64 27.50
N PRO B 28 16.63 26.58 28.24
CA PRO B 28 17.26 27.85 28.65
C PRO B 28 17.63 28.75 27.48
N ASP B 29 18.18 28.17 26.40
CA ASP B 29 18.50 28.97 25.22
C ASP B 29 17.23 29.52 24.58
N SER B 30 16.16 28.72 24.55
CA SER B 30 14.92 29.18 23.93
C SER B 30 14.33 30.35 24.70
N GLU B 31 14.39 30.29 26.03
CA GLU B 31 13.86 31.40 26.83
C GLU B 31 14.76 32.63 26.73
N ILE B 32 16.08 32.42 26.63
CA ILE B 32 16.99 33.54 26.45
C ILE B 32 16.64 34.29 25.18
N LEU B 33 16.52 33.56 24.06
CA LEU B 33 16.25 34.24 22.81
C LEU B 33 14.80 34.73 22.71
N LYS B 34 13.87 34.11 23.44
CA LYS B 34 12.52 34.65 23.51
C LYS B 34 12.51 36.02 24.15
N ALA B 35 13.25 36.18 25.25
CA ALA B 35 13.33 37.48 25.89
C ALA B 35 14.08 38.47 25.03
N GLU B 36 15.17 38.03 24.38
CA GLU B 36 15.93 38.94 23.52
C GLU B 36 15.06 39.49 22.39
N VAL B 37 14.36 38.58 21.70
CA VAL B 37 13.52 38.99 20.58
C VAL B 37 12.43 39.93 21.06
N GLU B 38 11.76 39.56 22.15
CA GLU B 38 10.70 40.42 22.68
C GLU B 38 11.24 41.80 23.05
N GLU B 39 12.48 41.86 23.52
CA GLU B 39 13.13 43.15 23.76
C GLU B 39 13.38 43.90 22.47
N GLU B 40 13.47 43.21 21.34
CA GLU B 40 13.70 43.94 20.09
C GLU B 40 12.44 44.63 19.58
N ILE B 41 11.27 43.98 19.71
CA ILE B 41 10.01 44.56 19.26
C ILE B 41 9.74 45.87 20.00
N ARG B 42 9.73 46.98 19.26
CA ARG B 42 9.52 48.31 19.80
C ARG B 42 10.49 48.64 20.94
N LYS B 45 10.66 49.38 13.71
CA LYS B 45 9.76 49.31 12.56
C LYS B 45 8.75 48.18 12.74
N GLU B 46 7.50 48.45 12.36
CA GLU B 46 6.43 47.48 12.55
C GLU B 46 6.25 46.65 11.27
N ASP B 47 7.25 45.81 11.01
CA ASP B 47 7.10 44.85 9.92
C ASP B 47 6.12 43.79 10.38
N HIS B 48 4.95 43.73 9.73
CA HIS B 48 3.98 42.72 10.10
C HIS B 48 4.39 41.31 9.69
N ASP B 49 5.29 41.16 8.73
CA ASP B 49 5.81 39.81 8.51
C ASP B 49 6.84 39.42 9.57
N LEU B 50 7.70 40.34 10.00
CA LEU B 50 8.57 40.05 11.13
C LEU B 50 7.78 39.83 12.41
N LEU B 51 6.70 40.60 12.61
CA LEU B 51 5.87 40.40 13.78
C LEU B 51 5.12 39.08 13.70
N LEU B 52 4.74 38.68 12.49
CA LEU B 52 4.09 37.38 12.32
C LEU B 52 5.06 36.24 12.54
N TYR B 53 6.28 36.37 12.03
CA TYR B 53 7.32 35.39 12.31
C TYR B 53 7.54 35.24 13.81
N TYR B 54 7.50 36.36 14.53
CA TYR B 54 7.59 36.30 15.99
C TYR B 54 6.41 35.54 16.59
N SER B 55 5.20 35.76 16.06
CA SER B 55 4.04 35.05 16.62
C SER B 55 4.07 33.55 16.26
N LEU B 56 4.49 33.22 15.04
CA LEU B 56 4.65 31.83 14.65
C LEU B 56 5.69 31.14 15.53
N MET B 57 6.70 31.90 15.95
CA MET B 57 7.74 31.30 16.76
C MET B 57 7.27 31.15 18.21
N CYS B 58 6.46 32.09 18.69
CA CYS B 58 5.82 31.87 19.98
C CYS B 58 4.93 30.63 19.95
N PHE B 59 4.32 30.35 18.80
CA PHE B 59 3.49 29.16 18.67
C PHE B 59 4.32 27.88 18.77
N ARG B 60 5.38 27.80 17.95
CA ARG B 60 6.24 26.61 17.99
C ARG B 60 6.90 26.44 19.36
N HIS B 61 7.30 27.56 19.98
CA HIS B 61 7.88 27.50 21.33
C HIS B 61 6.89 26.97 22.34
N GLN B 62 5.61 27.34 22.18
CA GLN B 62 4.60 26.82 23.11
C GLN B 62 4.43 25.33 22.91
N LEU B 63 4.51 24.88 21.65
CA LEU B 63 4.36 23.45 21.39
C LEU B 63 5.46 22.66 22.09
N MET B 64 6.69 23.16 22.03
CA MET B 64 7.80 22.49 22.70
C MET B 64 7.62 22.50 24.22
N LEU B 65 7.19 23.63 24.76
CA LEU B 65 6.98 23.72 26.20
C LEU B 65 5.92 22.71 26.65
N ASP B 66 4.79 22.66 25.94
CA ASP B 66 3.74 21.71 26.27
C ASP B 66 4.26 20.29 26.24
N TYR B 67 5.13 19.98 25.26
CA TYR B 67 5.65 18.62 25.19
C TYR B 67 6.47 18.30 26.44
N LEU B 68 7.19 19.30 26.96
CA LEU B 68 8.02 19.02 28.13
C LEU B 68 7.18 18.86 29.40
N GLU B 69 6.23 19.77 29.64
CA GLU B 69 5.34 19.71 30.79
C GLU B 69 3.94 20.21 30.44
N PRO B 70 2.93 19.32 30.43
CA PRO B 70 1.53 19.67 30.13
C PRO B 70 0.95 20.66 31.13
N PRO B 78 -5.68 27.03 26.14
CA PRO B 78 -5.33 28.14 27.03
C PRO B 78 -4.58 29.27 26.32
N LYS B 79 -3.25 29.29 26.42
CA LYS B 79 -2.47 30.30 25.72
C LYS B 79 -2.40 30.05 24.22
N ILE B 80 -2.63 28.81 23.79
CA ILE B 80 -2.43 28.43 22.40
C ILE B 80 -3.51 29.01 21.49
N SER B 81 -4.77 29.08 21.95
CA SER B 81 -5.80 29.65 21.08
C SER B 81 -5.56 31.13 20.84
N ASP B 82 -5.00 31.80 21.85
CA ASP B 82 -4.65 33.21 21.71
C ASP B 82 -3.51 33.39 20.73
N LEU B 83 -2.56 32.46 20.72
CA LEU B 83 -1.54 32.52 19.68
C LEU B 83 -2.08 32.15 18.31
N LEU B 84 -3.12 31.32 18.24
CA LEU B 84 -3.67 30.98 16.93
C LEU B 84 -4.35 32.17 16.27
N GLU B 85 -5.03 33.00 17.06
CA GLU B 85 -5.71 34.16 16.48
C GLU B 85 -4.72 35.11 15.82
N LYS B 86 -3.55 35.29 16.43
CA LYS B 86 -2.53 36.20 15.93
C LYS B 86 -1.84 35.68 14.66
N SER B 90 -4.61 37.25 9.73
CA SER B 90 -3.61 37.93 8.93
C SER B 90 -2.88 36.99 7.98
N GLN B 91 -3.66 36.23 7.22
CA GLN B 91 -3.18 35.36 6.16
C GLN B 91 -3.43 35.96 4.78
N THR B 92 -3.32 37.27 4.64
CA THR B 92 -3.77 37.94 3.43
C THR B 92 -2.83 37.69 2.25
N ASP B 93 -1.56 38.05 2.41
CA ASP B 93 -0.58 37.94 1.34
C ASP B 93 0.70 37.26 1.85
N LEU B 94 0.59 36.00 2.25
CA LEU B 94 1.77 35.27 2.65
C LEU B 94 2.55 34.76 1.44
N LYS B 95 3.86 34.67 1.62
CA LYS B 95 4.78 34.20 0.60
C LYS B 95 6.07 33.78 1.28
N GLY B 96 6.94 33.12 0.50
CA GLY B 96 8.25 32.76 1.01
C GLY B 96 8.19 31.66 2.04
N ILE B 97 9.28 31.55 2.82
CA ILE B 97 9.37 30.51 3.82
C ILE B 97 8.50 30.81 5.03
N LEU B 98 8.03 32.06 5.17
CA LEU B 98 7.05 32.35 6.21
C LEU B 98 5.75 31.61 5.97
N GLU B 99 5.35 31.49 4.69
CA GLU B 99 4.19 30.69 4.35
C GLU B 99 4.41 29.22 4.70
N TYR B 100 5.64 28.75 4.54
CA TYR B 100 5.99 27.38 4.90
C TYR B 100 5.86 27.18 6.40
N TYR B 101 6.47 28.06 7.18
CA TYR B 101 6.34 27.97 8.64
C TYR B 101 4.88 28.02 9.06
N PHE B 102 4.08 28.84 8.37
CA PHE B 102 2.67 28.97 8.72
C PHE B 102 1.94 27.65 8.55
N ASN B 103 2.00 27.08 7.34
CA ASN B 103 1.27 25.84 7.11
C ASN B 103 1.84 24.68 7.91
N PHE B 104 3.16 24.63 8.10
CA PHE B 104 3.76 23.53 8.84
C PHE B 104 3.37 23.56 10.31
N PHE B 105 3.47 24.74 10.94
CA PHE B 105 3.14 24.82 12.36
C PHE B 105 1.65 24.58 12.58
N ARG B 106 0.81 25.10 11.68
CA ARG B 106 -0.62 24.83 11.81
C ARG B 106 -0.94 23.36 11.62
N GLY B 107 -0.18 22.65 10.78
CA GLY B 107 -0.38 21.22 10.67
C GLY B 107 0.03 20.49 11.95
N MET B 108 1.11 20.94 12.58
CA MET B 108 1.50 20.35 13.86
C MET B 108 0.39 20.52 14.89
N TYR B 109 -0.22 21.71 14.92
CA TYR B 109 -1.27 21.96 15.91
C TYR B 109 -2.51 21.16 15.60
N GLU B 110 -2.93 21.10 14.33
CA GLU B 110 -4.08 20.30 13.96
C GLU B 110 -3.86 18.84 14.29
N PHE B 111 -2.63 18.35 14.17
CA PHE B 111 -2.33 16.97 14.55
C PHE B 111 -2.51 16.78 16.05
N GLU B 112 -2.10 17.77 16.85
CA GLU B 112 -2.26 17.60 18.30
C GLU B 112 -3.73 17.61 18.75
N GLN B 113 -4.65 18.12 17.93
CA GLN B 113 -6.06 18.17 18.27
C GLN B 113 -6.85 17.03 17.63
N TYR B 114 -6.20 15.93 17.26
CA TYR B 114 -6.80 14.79 16.59
C TYR B 114 -7.47 15.17 15.27
N GLU B 115 -7.12 16.32 14.71
CA GLU B 115 -7.67 16.78 13.43
C GLU B 115 -6.71 16.33 12.33
N TYR B 116 -6.97 15.13 11.79
CA TYR B 116 -6.00 14.55 10.86
C TYR B 116 -6.19 15.06 9.43
N LEU B 117 -7.43 15.23 8.97
CA LEU B 117 -7.64 15.74 7.62
C LEU B 117 -7.02 17.13 7.47
N ASN B 118 -7.25 18.00 8.46
CA ASN B 118 -6.72 19.36 8.40
C ASN B 118 -5.19 19.34 8.51
N ALA B 119 -4.66 18.49 9.39
CA ALA B 119 -3.21 18.47 9.58
C ALA B 119 -2.50 17.99 8.32
N ILE B 120 -3.04 16.97 7.63
CA ILE B 120 -2.42 16.59 6.37
C ILE B 120 -2.61 17.66 5.31
N SER B 121 -3.74 18.38 5.33
CA SER B 121 -3.91 19.44 4.34
C SER B 121 -2.84 20.52 4.52
N PHE B 122 -2.55 20.86 5.77
CA PHE B 122 -1.50 21.84 6.03
C PHE B 122 -0.11 21.28 5.74
N TYR B 123 0.12 20.01 6.06
CA TYR B 123 1.42 19.40 5.78
C TYR B 123 1.70 19.35 4.27
N LYS B 124 0.69 19.06 3.46
CA LYS B 124 0.92 19.03 2.02
C LYS B 124 1.14 20.43 1.47
N GLN B 125 0.49 21.43 2.08
CA GLN B 125 0.76 22.79 1.63
C GLN B 125 2.17 23.22 2.00
N ALA B 126 2.65 22.77 3.16
CA ALA B 126 4.05 23.01 3.51
C ALA B 126 5.00 22.23 2.62
N GLU B 127 4.56 21.07 2.11
CA GLU B 127 5.43 20.27 1.26
C GLU B 127 5.66 20.94 -0.08
N ARG B 128 4.66 21.65 -0.58
CA ARG B 128 4.83 22.30 -1.89
C ARG B 128 5.98 23.29 -1.89
N LYS B 129 6.23 23.95 -0.77
CA LYS B 129 7.28 24.97 -0.66
C LYS B 129 8.52 24.46 0.07
N LEU B 130 8.78 23.15 0.00
CA LEU B 130 9.90 22.57 0.72
C LEU B 130 11.24 22.91 0.08
N SER B 131 11.25 23.16 -1.24
CA SER B 131 12.49 23.58 -1.88
C SER B 131 12.97 24.94 -1.40
N LEU B 132 12.06 25.76 -0.85
CA LEU B 132 12.47 27.01 -0.19
C LEU B 132 13.25 26.77 1.09
N VAL B 133 13.25 25.55 1.62
CA VAL B 133 13.91 25.25 2.89
C VAL B 133 15.35 24.82 2.59
N ALA B 134 16.31 25.56 3.13
CA ALA B 134 17.71 25.27 2.89
C ALA B 134 18.35 24.42 3.98
N ASP B 135 17.92 24.57 5.23
CA ASP B 135 18.49 23.81 6.32
C ASP B 135 18.06 22.35 6.23
N GLU B 136 19.04 21.45 6.23
CA GLU B 136 18.71 20.03 6.18
C GLU B 136 17.99 19.57 7.45
N ILE B 137 18.27 20.20 8.59
CA ILE B 137 17.60 19.86 9.85
C ILE B 137 16.13 20.26 9.81
N GLU B 138 15.83 21.44 9.28
CA GLU B 138 14.43 21.85 9.18
C GLU B 138 13.65 20.93 8.26
N ARG B 139 14.29 20.48 7.17
CA ARG B 139 13.65 19.50 6.31
C ARG B 139 13.48 18.17 7.03
N ALA B 140 14.38 17.85 7.96
CA ALA B 140 14.22 16.62 8.74
C ALA B 140 13.05 16.74 9.71
N GLU B 141 12.84 17.93 10.28
CA GLU B 141 11.65 18.16 11.10
C GLU B 141 10.39 17.93 10.29
N PHE B 142 10.37 18.46 9.07
CA PHE B 142 9.18 18.27 8.23
C PHE B 142 8.98 16.79 7.90
N HIS B 143 10.06 16.09 7.53
CA HIS B 143 9.92 14.68 7.17
C HIS B 143 9.48 13.83 8.35
N TYR B 144 9.92 14.17 9.56
CA TYR B 144 9.51 13.39 10.72
C TYR B 144 8.04 13.66 11.07
N LYS B 145 7.61 14.91 11.01
CA LYS B 145 6.20 15.15 11.34
C LYS B 145 5.26 14.57 10.28
N VAL B 146 5.70 14.52 9.03
CA VAL B 146 4.89 13.92 7.98
C VAL B 146 4.86 12.41 8.13
N ALA B 147 6.01 11.80 8.45
CA ALA B 147 6.03 10.36 8.70
C ALA B 147 5.24 10.00 9.95
N GLU B 148 5.16 10.92 10.92
CA GLU B 148 4.36 10.67 12.12
C GLU B 148 2.89 10.58 11.79
N ILE B 149 2.37 11.62 11.13
CA ILE B 149 0.96 11.59 10.80
C ILE B 149 0.66 10.52 9.76
N TYR B 150 1.69 10.03 9.04
CA TYR B 150 1.50 8.90 8.14
C TYR B 150 1.52 7.56 8.86
N TYR B 151 2.27 7.43 9.96
CA TYR B 151 2.15 6.21 10.76
C TYR B 151 0.75 6.12 11.30
N HIS B 152 0.29 7.20 11.93
CA HIS B 152 -1.15 7.29 12.18
C HIS B 152 -1.84 7.25 10.82
N MET B 153 -3.07 6.75 10.78
CA MET B 153 -3.83 6.53 9.54
C MET B 153 -3.26 5.35 8.74
N LYS B 154 -2.20 4.71 9.22
CA LYS B 154 -1.67 3.45 8.67
C LYS B 154 -1.17 3.59 7.22
N GLN B 155 -0.71 4.77 6.81
CA GLN B 155 -0.01 4.92 5.54
C GLN B 155 1.45 4.49 5.74
N THR B 156 1.66 3.18 5.81
CA THR B 156 2.92 2.61 6.28
C THR B 156 4.08 2.94 5.33
N HIS B 157 3.90 2.69 4.03
CA HIS B 157 5.00 2.89 3.08
C HIS B 157 5.40 4.35 2.99
N MET B 158 4.43 5.26 2.89
CA MET B 158 4.75 6.69 2.82
C MET B 158 5.44 7.16 4.11
N SER B 159 5.01 6.62 5.25
CA SER B 159 5.65 6.94 6.52
C SER B 159 7.10 6.49 6.53
N MET B 160 7.38 5.29 6.01
CA MET B 160 8.77 4.85 5.96
C MET B 160 9.57 5.73 5.01
N HIS B 161 8.95 6.16 3.91
CA HIS B 161 9.60 7.04 2.95
C HIS B 161 10.10 8.31 3.62
N HIS B 162 9.24 8.94 4.41
CA HIS B 162 9.66 10.20 5.02
C HIS B 162 10.57 9.99 6.23
N ILE B 163 10.35 8.91 6.99
CA ILE B 163 11.08 8.76 8.23
C ILE B 163 12.53 8.41 7.96
N VAL B 164 12.83 7.73 6.85
CA VAL B 164 14.23 7.43 6.62
C VAL B 164 15.01 8.69 6.24
N GLN B 165 14.37 9.60 5.49
CA GLN B 165 15.02 10.87 5.17
C GLN B 165 15.33 11.63 6.45
N ALA B 166 14.35 11.66 7.35
CA ALA B 166 14.53 12.46 8.57
C ALA B 166 15.63 11.87 9.43
N ILE B 167 15.60 10.55 9.64
CA ILE B 167 16.57 9.94 10.55
C ILE B 167 17.98 10.03 9.99
N ASP B 168 18.14 9.93 8.67
CA ASP B 168 19.48 10.07 8.15
C ASP B 168 20.03 11.47 8.37
N SER B 169 19.19 12.50 8.19
CA SER B 169 19.72 13.84 8.44
C SER B 169 19.99 14.08 9.92
N TYR B 170 19.08 13.68 10.81
CA TYR B 170 19.31 13.86 12.24
C TYR B 170 20.58 13.15 12.69
N LYS B 171 20.74 11.89 12.28
CA LYS B 171 21.92 11.13 12.69
C LYS B 171 23.19 11.75 12.16
N ALA B 172 23.12 12.50 11.05
CA ALA B 172 24.33 13.16 10.57
C ALA B 172 24.83 14.22 11.54
N HIS B 173 23.92 14.90 12.25
CA HIS B 173 24.29 15.94 13.20
C HIS B 173 24.34 15.40 14.64
N GLU B 174 24.77 16.25 15.56
CA GLU B 174 24.79 15.95 16.99
C GLU B 174 23.74 16.77 17.73
N ASN B 175 23.47 16.33 18.96
CA ASN B 175 22.55 16.96 19.92
C ASN B 175 21.09 16.87 19.50
N TYR B 176 20.77 16.11 18.45
CA TYR B 176 19.40 15.84 18.05
C TYR B 176 18.93 14.47 18.51
N THR B 177 19.34 14.05 19.71
CA THR B 177 18.99 12.71 20.20
C THR B 177 17.49 12.53 20.36
N VAL B 178 16.80 13.56 20.83
CA VAL B 178 15.35 13.45 21.07
C VAL B 178 14.62 13.14 19.78
N ARG B 179 14.92 13.89 18.71
CA ARG B 179 14.23 13.62 17.45
C ARG B 179 14.68 12.30 16.84
N VAL B 180 15.90 11.85 17.12
CA VAL B 180 16.34 10.54 16.65
C VAL B 180 15.56 9.44 17.35
N ILE B 181 15.30 9.61 18.65
CA ILE B 181 14.53 8.64 19.41
C ILE B 181 13.11 8.55 18.87
N GLN B 182 12.52 9.72 18.56
CA GLN B 182 11.18 9.69 17.97
C GLN B 182 11.18 9.05 16.58
N CYS B 183 12.26 9.24 15.81
CA CYS B 183 12.35 8.56 14.53
C CYS B 183 12.48 7.05 14.70
N SER B 184 13.18 6.62 15.77
CA SER B 184 13.24 5.19 16.07
C SER B 184 11.87 4.66 16.40
N PHE B 185 11.08 5.44 17.14
CA PHE B 185 9.70 5.07 17.42
C PHE B 185 8.93 4.83 16.13
N VAL B 186 9.00 5.79 15.21
CA VAL B 186 8.21 5.69 13.98
C VAL B 186 8.64 4.49 13.15
N ILE B 187 9.96 4.26 13.04
CA ILE B 187 10.46 3.16 12.21
C ILE B 187 10.00 1.82 12.79
N GLY B 188 10.29 1.60 14.07
CA GLY B 188 9.88 0.35 14.69
C GLY B 188 8.38 0.14 14.65
N LEU B 189 7.61 1.19 14.89
CA LEU B 189 6.15 1.07 14.86
C LEU B 189 5.63 0.72 13.48
N ASN B 190 6.33 1.14 12.42
CA ASN B 190 5.88 0.73 11.09
C ASN B 190 6.20 -0.74 10.83
N TYR B 191 7.35 -1.19 11.33
CA TYR B 191 7.66 -2.62 11.25
C TYR B 191 6.62 -3.43 12.01
N LEU B 192 6.18 -2.92 13.16
CA LEU B 192 5.13 -3.59 13.93
C LEU B 192 3.81 -3.60 13.17
N ASP B 193 3.49 -2.50 12.47
CA ASP B 193 2.28 -2.47 11.67
C ASP B 193 2.35 -3.39 10.47
N MET B 194 3.52 -3.94 10.15
CA MET B 194 3.57 -4.97 9.11
C MET B 194 3.67 -6.37 9.68
N ASP B 195 3.40 -6.56 10.98
CA ASP B 195 3.47 -7.87 11.65
C ASP B 195 4.90 -8.39 11.71
N TYR B 196 5.86 -7.49 11.98
CA TYR B 196 7.26 -7.83 12.15
C TYR B 196 7.72 -7.33 13.53
N PRO B 197 7.24 -7.97 14.60
CA PRO B 197 7.59 -7.45 15.94
C PRO B 197 9.06 -7.61 16.30
N GLU B 198 9.67 -8.74 15.95
CA GLU B 198 11.08 -8.94 16.25
C GLU B 198 11.98 -7.98 15.49
N LYS B 199 11.50 -7.40 14.40
CA LYS B 199 12.24 -6.35 13.70
C LYS B 199 12.00 -4.98 14.31
N ALA B 200 10.93 -4.82 15.08
CA ALA B 200 10.62 -3.56 15.74
C ALA B 200 11.27 -3.46 17.12
N ILE B 201 11.54 -4.61 17.75
CA ILE B 201 12.16 -4.58 19.08
C ILE B 201 13.52 -3.90 19.07
N PRO B 202 14.41 -4.13 18.09
CA PRO B 202 15.71 -3.42 18.14
C PRO B 202 15.57 -1.90 18.13
N HIS B 203 14.64 -1.35 17.35
CA HIS B 203 14.50 0.10 17.30
C HIS B 203 13.92 0.65 18.59
N PHE B 204 12.88 0.01 19.14
CA PHE B 204 12.29 0.47 20.39
C PHE B 204 13.30 0.36 21.53
N LYS B 205 14.06 -0.73 21.57
CA LYS B 205 15.11 -0.90 22.59
C LYS B 205 16.19 0.16 22.46
N ASN B 206 16.69 0.37 21.24
CA ASN B 206 17.73 1.38 21.00
C ASN B 206 17.26 2.74 21.47
N ALA B 207 15.99 3.06 21.19
CA ALA B 207 15.42 4.31 21.64
C ALA B 207 15.29 4.33 23.16
N LEU B 208 15.04 3.17 23.77
CA LEU B 208 14.95 3.13 25.22
C LEU B 208 16.31 3.40 25.84
N ASP B 209 17.37 2.85 25.25
CA ASP B 209 18.72 3.09 25.77
C ASP B 209 19.08 4.56 25.67
N LYS B 210 18.82 5.19 24.53
CA LYS B 210 19.16 6.60 24.44
C LYS B 210 18.15 7.52 25.15
N ALA B 211 16.96 7.03 25.46
CA ALA B 211 15.97 7.89 26.13
C ALA B 211 16.35 8.15 27.58
N ARG B 212 16.78 7.12 28.31
CA ARG B 212 17.31 7.30 29.66
C ARG B 212 18.80 7.62 29.65
N GLU B 213 19.43 7.64 28.48
CA GLU B 213 20.76 8.21 28.35
C GLU B 213 20.70 9.71 28.64
N ILE B 214 19.74 10.40 28.02
CA ILE B 214 19.48 11.81 28.31
C ILE B 214 18.53 12.02 29.47
N ASP B 215 18.06 10.94 30.11
CA ASP B 215 17.21 10.98 31.30
C ASP B 215 15.90 11.74 31.04
N MET B 216 15.22 11.40 29.94
CA MET B 216 13.95 12.03 29.57
C MET B 216 12.82 11.04 29.80
N SER B 217 12.12 11.19 30.94
CA SER B 217 11.16 10.19 31.41
C SER B 217 10.02 9.95 30.42
N ARG B 218 9.47 11.01 29.83
CA ARG B 218 8.36 10.85 28.90
C ARG B 218 8.74 9.96 27.72
N LEU B 219 9.93 10.21 27.15
CA LEU B 219 10.41 9.42 26.03
C LEU B 219 10.62 7.97 26.46
N ILE B 220 11.06 7.79 27.69
CA ILE B 220 11.31 6.45 28.23
C ILE B 220 10.01 5.67 28.31
N GLY B 221 8.98 6.26 28.94
CA GLY B 221 7.70 5.59 29.05
C GLY B 221 7.10 5.28 27.70
N SER B 222 7.31 6.17 26.72
CA SER B 222 6.85 5.83 25.38
C SER B 222 7.61 4.63 24.82
N SER B 223 8.89 4.48 25.19
CA SER B 223 9.63 3.31 24.73
C SER B 223 9.12 2.03 25.39
N LEU B 224 8.81 2.09 26.68
CA LEU B 224 8.23 0.92 27.36
C LEU B 224 6.89 0.55 26.76
N TYR B 225 6.07 1.55 26.40
CA TYR B 225 4.78 1.26 25.79
C TYR B 225 4.94 0.58 24.42
N ASN B 226 5.84 1.10 23.59
CA ASN B 226 6.07 0.50 22.26
C ASN B 226 6.61 -0.94 22.38
N LEU B 227 7.51 -1.18 23.33
CA LEU B 227 8.02 -2.53 23.55
C LEU B 227 6.92 -3.46 24.05
N GLY B 228 6.03 -2.95 24.90
CA GLY B 228 4.90 -3.73 25.33
C GLY B 228 3.96 -4.05 24.18
N LEU B 229 3.85 -3.14 23.22
CA LEU B 229 3.08 -3.44 22.03
C LEU B 229 3.72 -4.59 21.25
N CYS B 230 5.05 -4.68 21.30
CA CYS B 230 5.70 -5.82 20.66
C CYS B 230 5.33 -7.12 21.38
N SER B 231 5.43 -7.14 22.70
CA SER B 231 5.04 -8.35 23.44
C SER B 231 3.56 -8.69 23.26
N PHE B 232 2.70 -7.67 23.11
CA PHE B 232 1.29 -7.92 22.85
C PHE B 232 1.09 -8.58 21.50
N ALA B 233 1.83 -8.13 20.48
CA ALA B 233 1.72 -8.74 19.16
C ALA B 233 2.22 -10.18 19.16
N GLU B 234 3.22 -10.49 19.98
CA GLU B 234 3.73 -11.84 20.11
C GLU B 234 2.97 -12.66 21.14
N GLU B 235 1.82 -12.17 21.61
CA GLU B 235 0.94 -12.85 22.57
C GLU B 235 1.65 -13.20 23.87
N ALA B 236 2.76 -12.53 24.19
CA ALA B 236 3.38 -12.64 25.51
C ALA B 236 2.75 -11.60 26.44
N TYR B 237 1.52 -11.90 26.84
CA TYR B 237 0.69 -10.90 27.51
C TYR B 237 1.22 -10.54 28.88
N GLU B 238 1.88 -11.47 29.57
CA GLU B 238 2.50 -11.17 30.86
C GLU B 238 3.61 -10.14 30.71
N LYS B 239 4.56 -10.39 29.79
CA LYS B 239 5.64 -9.45 29.60
C LYS B 239 5.11 -8.11 29.09
N ALA B 240 4.02 -8.14 28.33
CA ALA B 240 3.38 -6.92 27.87
C ALA B 240 2.82 -6.13 29.04
N SER B 241 2.15 -6.82 29.96
CA SER B 241 1.60 -6.13 31.12
C SER B 241 2.71 -5.54 31.97
N GLU B 242 3.87 -6.19 32.04
CA GLU B 242 4.95 -5.58 32.79
C GLU B 242 5.42 -4.29 32.11
N TYR B 243 5.57 -4.32 30.78
CA TYR B 243 5.96 -3.10 30.08
C TYR B 243 4.94 -1.99 30.28
N PHE B 244 3.65 -2.31 30.20
CA PHE B 244 2.62 -1.30 30.35
C PHE B 244 2.59 -0.73 31.77
N LYS B 245 2.78 -1.59 32.77
CA LYS B 245 2.78 -1.13 34.15
C LYS B 245 3.93 -0.17 34.40
N GLU B 246 5.14 -0.55 33.98
CA GLU B 246 6.28 0.33 34.22
C GLU B 246 6.22 1.62 33.41
N GLY B 247 5.68 1.59 32.18
CA GLY B 247 5.53 2.83 31.44
C GLY B 247 4.53 3.77 32.09
N ILE B 248 3.42 3.21 32.59
CA ILE B 248 2.46 4.05 33.31
C ILE B 248 3.11 4.60 34.56
N ARG B 249 3.95 3.79 35.22
CA ARG B 249 4.64 4.24 36.43
C ARG B 249 5.51 5.45 36.12
N VAL B 250 6.39 5.32 35.12
CA VAL B 250 7.34 6.39 34.84
C VAL B 250 6.60 7.65 34.41
N TYR B 251 5.48 7.51 33.70
CA TYR B 251 4.67 8.68 33.39
C TYR B 251 4.13 9.31 34.66
N GLN B 252 3.57 8.49 35.55
CA GLN B 252 2.91 8.94 36.75
C GLN B 252 3.86 9.28 37.89
N ASP B 253 5.16 9.19 37.69
CA ASP B 253 6.11 9.54 38.74
C ASP B 253 7.01 10.72 38.35
N ASN B 254 6.83 11.29 37.15
CA ASN B 254 7.71 12.33 36.68
C ASN B 254 6.91 13.50 36.11
N GLY B 255 5.72 13.76 36.67
CA GLY B 255 4.92 14.89 36.25
C GLY B 255 4.13 14.69 34.98
N TYR B 256 3.95 13.44 34.53
CA TYR B 256 3.15 13.14 33.36
C TYR B 256 1.94 12.30 33.73
N GLU B 257 1.39 12.53 34.93
CA GLU B 257 0.22 11.78 35.37
C GLU B 257 -0.99 12.12 34.51
N HIS B 258 -1.09 13.39 34.11
CA HIS B 258 -2.22 13.92 33.38
C HIS B 258 -1.84 14.31 31.96
N SER B 259 -0.93 13.57 31.35
CA SER B 259 -0.57 13.73 29.95
C SER B 259 -1.42 12.77 29.14
N ASN B 260 -1.99 13.27 28.04
CA ASN B 260 -2.98 12.49 27.30
C ASN B 260 -2.40 11.16 26.82
N ARG B 261 -1.10 11.11 26.53
CA ARG B 261 -0.54 9.90 25.97
C ARG B 261 -0.50 8.74 26.96
N ILE B 262 -0.60 9.02 28.26
CA ILE B 262 -0.66 7.92 29.21
C ILE B 262 -1.91 7.09 28.99
N LEU B 263 -2.93 7.67 28.35
CA LEU B 263 -4.12 6.87 28.12
C LEU B 263 -3.82 5.74 27.15
N ASP B 264 -2.96 6.02 26.16
CA ASP B 264 -2.57 4.98 25.21
C ASP B 264 -1.94 3.80 25.92
N ILE B 265 -1.33 4.03 27.08
CA ILE B 265 -0.77 2.92 27.82
C ILE B 265 -1.82 2.25 28.69
N LEU B 266 -2.64 3.06 29.40
CA LEU B 266 -3.69 2.47 30.22
C LEU B 266 -4.60 1.59 29.38
N LEU B 267 -4.90 2.04 28.16
CA LEU B 267 -5.80 1.28 27.31
C LEU B 267 -5.21 -0.08 26.96
N MET B 268 -3.93 -0.11 26.60
CA MET B 268 -3.33 -1.40 26.28
C MET B 268 -3.33 -2.31 27.49
N LEU B 269 -3.06 -1.75 28.69
CA LEU B 269 -3.09 -2.62 29.85
C LEU B 269 -4.49 -3.19 30.06
N THR B 270 -5.52 -2.40 29.74
CA THR B 270 -6.88 -2.89 29.88
C THR B 270 -7.13 -4.03 28.92
N LYS B 271 -6.65 -3.90 27.67
CA LYS B 271 -6.77 -5.03 26.75
C LYS B 271 -5.98 -6.22 27.25
N THR B 272 -4.81 -5.97 27.83
CA THR B 272 -3.95 -7.09 28.19
C THR B 272 -4.47 -7.84 29.40
N THR B 273 -4.93 -7.12 30.43
CA THR B 273 -5.33 -7.74 31.68
C THR B 273 -6.48 -8.73 31.49
N PHE B 274 -7.51 -8.36 30.71
CA PHE B 274 -8.56 -9.34 30.47
C PHE B 274 -8.13 -10.41 29.47
N LYS B 275 -7.22 -10.07 28.53
CA LYS B 275 -6.74 -11.11 27.63
C LYS B 275 -6.15 -12.28 28.40
N MET B 276 -5.61 -12.00 29.59
CA MET B 276 -5.15 -12.98 30.59
C MET B 276 -6.29 -13.51 31.44
N ARG B 277 -7.55 -13.22 31.09
CA ARG B 277 -8.73 -13.66 31.83
C ARG B 277 -8.74 -13.13 33.26
N ASN B 278 -8.17 -11.93 33.46
CA ASN B 278 -8.29 -11.20 34.72
C ASN B 278 -9.44 -10.21 34.59
N HIS B 279 -10.65 -10.73 34.77
CA HIS B 279 -11.86 -9.93 34.56
C HIS B 279 -12.01 -8.81 35.58
N SER B 280 -11.54 -9.02 36.81
CA SER B 280 -11.71 -7.98 37.83
C SER B 280 -10.78 -6.79 37.56
N GLU B 281 -9.50 -7.09 37.34
CA GLU B 281 -8.53 -6.04 37.06
C GLU B 281 -8.85 -5.33 35.76
N GLY B 282 -9.36 -6.05 34.76
CA GLY B 282 -9.65 -5.41 33.50
C GLY B 282 -10.71 -4.33 33.60
N ILE B 283 -11.78 -4.59 34.35
CA ILE B 283 -12.79 -3.55 34.53
C ILE B 283 -12.25 -2.42 35.39
N SER B 284 -11.46 -2.74 36.43
CA SER B 284 -10.93 -1.65 37.24
C SER B 284 -10.00 -0.75 36.42
N TRP B 285 -9.15 -1.36 35.58
CA TRP B 285 -8.26 -0.59 34.72
C TRP B 285 -9.05 0.20 33.68
N CYS B 286 -10.09 -0.40 33.12
CA CYS B 286 -10.88 0.27 32.10
C CYS B 286 -11.64 1.46 32.67
N ALA B 287 -12.15 1.34 33.89
CA ALA B 287 -12.86 2.48 34.47
C ALA B 287 -11.89 3.56 34.93
N HIS B 288 -10.71 3.18 35.43
CA HIS B 288 -9.69 4.18 35.71
C HIS B 288 -9.30 4.94 34.45
N GLY B 289 -9.15 4.23 33.33
CA GLY B 289 -8.79 4.89 32.10
C GLY B 289 -9.91 5.76 31.56
N LEU B 290 -11.16 5.30 31.67
CA LEU B 290 -12.30 6.08 31.22
C LEU B 290 -12.49 7.33 32.07
N SER B 291 -12.29 7.21 33.38
CA SER B 291 -12.44 8.37 34.26
C SER B 291 -11.35 9.39 33.99
N LEU B 292 -10.10 8.94 33.93
CA LEU B 292 -9.02 9.87 33.64
C LEU B 292 -9.14 10.45 32.23
N SER B 293 -9.71 9.69 31.29
CA SER B 293 -9.95 10.23 29.96
C SER B 293 -10.99 11.34 30.00
N LYS B 294 -12.03 11.16 30.83
CA LYS B 294 -13.02 12.22 30.99
C LYS B 294 -12.43 13.43 31.71
N ASN B 295 -11.53 13.21 32.66
CA ASN B 295 -10.89 14.34 33.34
C ASN B 295 -10.01 15.13 32.37
N LEU B 296 -9.25 14.42 31.55
CA LEU B 296 -8.37 15.06 30.57
C LEU B 296 -9.13 15.61 29.38
N ASN B 297 -10.46 15.46 29.37
CA ASN B 297 -11.33 15.95 28.31
C ASN B 297 -10.87 15.45 26.94
N ASP B 298 -10.66 14.14 26.85
CA ASP B 298 -10.29 13.51 25.59
C ASP B 298 -11.42 12.56 25.21
N GLU B 299 -12.30 13.01 24.32
CA GLU B 299 -13.43 12.17 23.90
C GLU B 299 -12.98 10.98 23.08
N ILE B 300 -11.89 11.13 22.33
CA ILE B 300 -11.39 10.04 21.48
C ILE B 300 -11.01 8.84 22.34
N MET B 301 -10.10 9.06 23.30
CA MET B 301 -9.64 7.97 24.16
C MET B 301 -10.76 7.46 25.04
N ALA B 302 -11.66 8.37 25.45
CA ALA B 302 -12.80 7.95 26.26
C ALA B 302 -13.69 6.99 25.49
N LYS B 303 -14.03 7.33 24.24
CA LYS B 303 -14.86 6.42 23.48
C LYS B 303 -14.16 5.11 23.19
N MET B 304 -12.82 5.08 23.26
CA MET B 304 -12.23 3.77 23.02
C MET B 304 -12.18 2.93 24.29
N PHE B 305 -12.08 3.56 25.46
CA PHE B 305 -12.30 2.78 26.67
C PHE B 305 -13.74 2.31 26.75
N GLU B 306 -14.67 3.10 26.20
CA GLU B 306 -16.06 2.65 26.13
C GLU B 306 -16.19 1.43 25.23
N PHE B 307 -15.41 1.37 24.15
CA PHE B 307 -15.46 0.20 23.30
C PHE B 307 -15.00 -1.04 24.06
N ILE B 308 -13.84 -0.95 24.73
CA ILE B 308 -13.34 -2.12 25.45
C ILE B 308 -14.31 -2.57 26.54
N HIS B 309 -14.94 -1.62 27.24
CA HIS B 309 -15.90 -1.99 28.27
C HIS B 309 -17.15 -2.62 27.67
N ALA B 310 -17.77 -1.95 26.70
CA ALA B 310 -18.98 -2.47 26.07
C ALA B 310 -18.75 -3.80 25.39
N LEU B 311 -17.50 -4.17 25.14
CA LEU B 311 -17.21 -5.44 24.47
C LEU B 311 -16.92 -6.55 25.48
N TYR B 312 -16.08 -6.29 26.48
CA TYR B 312 -15.66 -7.35 27.40
C TYR B 312 -16.51 -7.44 28.66
N VAL B 313 -17.50 -6.55 28.84
CA VAL B 313 -18.29 -6.56 30.07
C VAL B 313 -19.72 -7.01 29.80
N ASP B 314 -20.49 -6.19 29.09
CA ASP B 314 -21.89 -6.49 28.85
C ASP B 314 -22.20 -6.83 27.40
N ASN B 315 -21.19 -6.87 26.53
CA ASN B 315 -21.32 -7.30 25.14
C ASN B 315 -22.38 -6.47 24.40
N ASP B 316 -22.27 -5.15 24.54
CA ASP B 316 -23.20 -4.22 23.89
C ASP B 316 -22.68 -3.93 22.49
N ASN B 317 -23.29 -4.55 21.48
CA ASN B 317 -22.81 -4.44 20.11
C ASN B 317 -23.27 -3.16 19.42
N GLU B 318 -24.47 -2.66 19.73
CA GLU B 318 -24.93 -1.39 19.15
C GLU B 318 -24.00 -0.25 19.53
N LYS B 319 -23.52 -0.26 20.76
CA LYS B 319 -22.54 0.71 21.23
C LYS B 319 -21.21 0.55 20.49
N LEU B 320 -20.80 -0.70 20.28
CA LEU B 320 -19.56 -0.96 19.53
C LEU B 320 -19.66 -0.36 18.13
N ASN B 321 -20.80 -0.55 17.49
CA ASN B 321 -20.98 0.01 16.15
C ASN B 321 -21.03 1.53 16.20
N SER B 322 -21.59 2.11 17.26
CA SER B 322 -21.58 3.57 17.39
C SER B 322 -20.16 4.10 17.54
N ILE B 323 -19.34 3.41 18.33
CA ILE B 323 -17.95 3.82 18.53
C ILE B 323 -17.13 3.62 17.25
N LEU B 324 -17.31 2.49 16.56
CA LEU B 324 -16.59 2.25 15.33
C LEU B 324 -16.94 3.30 14.28
N ASN B 325 -18.22 3.69 14.24
CA ASN B 325 -18.65 4.71 13.31
C ASN B 325 -18.05 6.06 13.68
N TYR B 326 -18.09 6.41 14.97
CA TYR B 326 -17.55 7.69 15.41
C TYR B 326 -16.06 7.77 15.10
N LEU B 327 -15.29 6.73 15.44
CA LEU B 327 -13.87 6.74 15.10
C LEU B 327 -13.64 6.78 13.59
N GLU B 328 -14.64 6.36 12.80
CA GLU B 328 -14.48 6.52 11.36
C GLU B 328 -14.71 7.96 10.93
N LEU B 329 -15.69 8.66 11.52
CA LEU B 329 -15.87 10.08 11.18
C LEU B 329 -14.69 10.92 11.61
N LYS B 330 -13.90 10.48 12.57
CA LYS B 330 -12.69 11.18 12.96
C LYS B 330 -11.50 10.84 12.07
N SER B 331 -11.72 10.06 11.01
CA SER B 331 -10.66 9.60 10.12
C SER B 331 -9.56 8.85 10.88
N MET B 332 -9.99 8.00 11.82
CA MET B 332 -9.07 7.16 12.57
C MET B 332 -9.33 5.70 12.28
N LEU B 333 -9.28 5.33 10.99
CA LEU B 333 -9.61 3.98 10.55
C LEU B 333 -8.67 2.93 11.14
N SER B 334 -7.45 3.33 11.55
CA SER B 334 -6.55 2.39 12.21
C SER B 334 -7.14 1.89 13.52
N ASP B 335 -7.61 2.81 14.36
CA ASP B 335 -8.21 2.39 15.62
C ASP B 335 -9.53 1.66 15.38
N VAL B 336 -10.23 1.98 14.29
CA VAL B 336 -11.42 1.23 13.91
C VAL B 336 -11.04 -0.23 13.64
N GLU B 337 -9.94 -0.42 12.91
CA GLU B 337 -9.52 -1.78 12.57
C GLU B 337 -9.08 -2.53 13.83
N ASP B 338 -8.36 -1.85 14.73
CA ASP B 338 -7.88 -2.49 15.95
C ASP B 338 -9.06 -2.94 16.81
N LEU B 339 -10.06 -2.08 16.97
CA LEU B 339 -11.19 -2.41 17.84
C LEU B 339 -12.07 -3.49 17.22
N ALA B 340 -12.34 -3.39 15.91
CA ALA B 340 -13.09 -4.46 15.27
C ALA B 340 -12.35 -5.78 15.31
N SER B 341 -11.01 -5.76 15.34
CA SER B 341 -10.27 -7.01 15.49
C SER B 341 -10.41 -7.56 16.90
N ASP B 342 -10.45 -6.69 17.90
CA ASP B 342 -10.68 -7.16 19.27
C ASP B 342 -12.03 -7.83 19.39
N ALA B 343 -13.06 -7.22 18.80
CA ALA B 343 -14.40 -7.80 18.90
C ALA B 343 -14.48 -9.09 18.09
N ALA B 344 -13.86 -9.12 16.92
CA ALA B 344 -13.90 -10.31 16.10
C ALA B 344 -13.26 -11.49 16.82
N LYS B 345 -12.14 -11.25 17.49
CA LYS B 345 -11.51 -12.33 18.25
C LYS B 345 -12.38 -12.77 19.42
N TYR B 346 -12.87 -11.80 20.20
CA TYR B 346 -13.61 -12.16 21.41
C TYR B 346 -14.85 -12.97 21.06
N TYR B 347 -15.60 -12.56 20.04
CA TYR B 347 -16.79 -13.31 19.67
C TYR B 347 -16.46 -14.60 18.93
N ASN B 348 -15.30 -14.69 18.26
CA ASN B 348 -14.90 -15.95 17.64
C ASN B 348 -14.51 -16.99 18.67
N GLU B 349 -13.79 -16.57 19.72
CA GLU B 349 -13.41 -17.49 20.78
C GLU B 349 -14.62 -17.97 21.57
N LYS B 350 -15.62 -17.11 21.75
CA LYS B 350 -16.81 -17.44 22.52
C LYS B 350 -17.86 -18.17 21.71
N GLU B 351 -17.44 -18.77 20.59
CA GLU B 351 -18.27 -19.55 19.68
C GLU B 351 -19.44 -18.76 19.11
N ASP B 352 -19.45 -17.43 19.27
CA ASP B 352 -20.48 -16.59 18.67
C ASP B 352 -20.00 -16.13 17.29
N HIS B 353 -19.97 -17.10 16.37
CA HIS B 353 -19.35 -16.88 15.08
C HIS B 353 -20.15 -16.00 14.13
N LYS B 354 -21.45 -15.81 14.37
CA LYS B 354 -22.24 -14.92 13.53
C LYS B 354 -21.78 -13.46 13.68
N VAL B 355 -21.71 -12.98 14.92
CA VAL B 355 -21.24 -11.62 15.12
C VAL B 355 -19.73 -11.54 14.96
N ALA B 356 -19.02 -12.65 15.15
CA ALA B 356 -17.59 -12.66 14.81
C ALA B 356 -17.40 -12.45 13.32
N VAL B 357 -18.30 -13.00 12.50
CA VAL B 357 -18.29 -12.70 11.07
C VAL B 357 -18.48 -11.21 10.88
N ALA B 358 -19.41 -10.62 11.62
CA ALA B 358 -19.68 -9.21 11.40
C ALA B 358 -18.45 -8.34 11.68
N TYR B 359 -17.73 -8.65 12.76
CA TYR B 359 -16.61 -7.75 13.08
C TYR B 359 -15.35 -8.05 12.28
N TYR B 360 -15.11 -9.30 11.89
CA TYR B 360 -14.04 -9.56 10.94
C TYR B 360 -14.31 -8.85 9.61
N GLU B 361 -15.58 -8.82 9.19
CA GLU B 361 -15.97 -8.09 7.99
C GLU B 361 -15.66 -6.61 8.14
N LYS B 362 -15.84 -6.07 9.34
CA LYS B 362 -15.54 -4.66 9.55
C LYS B 362 -14.03 -4.41 9.49
N VAL B 363 -13.23 -5.40 9.90
CA VAL B 363 -11.78 -5.27 9.75
C VAL B 363 -11.41 -5.20 8.27
N LEU B 364 -12.07 -6.02 7.46
CA LEU B 364 -11.83 -5.94 6.02
C LEU B 364 -12.19 -4.56 5.47
N TYR B 365 -13.32 -4.01 5.92
CA TYR B 365 -13.76 -2.70 5.46
C TYR B 365 -12.74 -1.63 5.81
N ALA B 366 -12.24 -1.65 7.06
CA ALA B 366 -11.28 -0.64 7.48
C ALA B 366 -9.98 -0.76 6.71
N ARG B 367 -9.52 -2.00 6.47
CA ARG B 367 -8.28 -2.18 5.74
C ARG B 367 -8.40 -1.65 4.32
N LYS B 368 -9.55 -1.88 3.67
CA LYS B 368 -9.75 -1.33 2.33
C LYS B 368 -9.81 0.19 2.36
N GLN B 369 -10.45 0.76 3.40
CA GLN B 369 -10.50 2.22 3.53
C GLN B 369 -9.10 2.81 3.63
N ILE B 370 -8.23 2.16 4.39
CA ILE B 370 -6.86 2.64 4.61
C ILE B 370 -6.06 2.75 3.31
N GLN B 371 -6.44 2.00 2.28
CA GLN B 371 -5.79 2.12 0.98
C GLN B 371 -6.46 3.21 0.15
N ARG C 1 -7.73 -12.60 -11.61
CA ARG C 1 -7.30 -11.33 -12.21
C ARG C 1 -7.98 -10.97 -13.53
N GLY C 2 -7.85 -9.69 -13.90
CA GLY C 2 -8.35 -9.21 -15.18
C GLY C 2 -7.31 -9.33 -16.27
N HIS C 3 -7.74 -9.07 -17.50
CA HIS C 3 -6.88 -9.16 -18.67
C HIS C 3 -6.07 -7.88 -18.81
N THR C 4 -4.80 -7.95 -18.47
CA THR C 4 -3.86 -6.92 -18.87
C THR C 4 -3.26 -7.21 -20.23
N SER C 5 -3.87 -8.13 -20.99
CA SER C 5 -3.46 -8.57 -22.31
C SER C 5 -1.94 -8.66 -22.48
N ARG D 1 -2.63 3.16 18.45
CA ARG D 1 -1.35 3.25 17.76
C ARG D 1 -0.30 3.44 18.84
N GLY D 2 0.97 3.32 18.48
CA GLY D 2 2.04 3.55 19.43
C GLY D 2 2.45 5.01 19.52
N HIS D 3 3.33 5.29 20.47
CA HIS D 3 3.80 6.64 20.72
C HIS D 3 4.87 7.00 19.70
N THR D 4 4.50 7.81 18.71
CA THR D 4 5.43 8.41 17.76
C THR D 4 6.03 9.71 18.27
N SER D 5 5.96 9.95 19.57
CA SER D 5 6.45 11.18 20.16
C SER D 5 6.94 10.98 21.60
C1 A1H22 E . 6.42 -23.84 -7.15
C2 A1H22 E . 6.88 -22.65 -7.93
C3 A1H22 E . 6.35 -21.33 -9.83
C4 A1H22 E . 5.26 -21.07 -10.84
C5 A1H22 E . 4.65 -22.35 -11.37
C8 A1H22 E . 2.70 -23.10 -12.51
C9 A1H22 E . 3.38 -24.40 -12.77
O1 A1H22 E . 5.16 -23.64 -6.52
O2 A1H22 E . 5.90 -22.32 -8.90
O5 A1H22 E . 3.66 -22.06 -12.35
O6 A1H22 E . 2.47 -25.48 -12.84
C4 A1H22 F . -4.43 -18.37 6.97
C5 A1H22 F . -4.22 -18.85 5.54
O5 A1H22 F . -2.83 -19.07 5.33
O3 A1H22 F . -5.68 -18.90 7.43
C6 A1H22 F . -6.30 -18.09 8.45
C7 A1H22 F . -7.61 -18.70 8.83
O4 A1H22 F . -7.47 -20.03 9.32
C3 A1H22 G . -15.16 -34.11 3.93
C4 A1H22 G . -14.95 -34.63 2.53
C5 A1H22 G . -15.55 -35.99 2.30
C8 A1H22 G . -13.97 -37.65 3.02
C9 A1H22 G . -14.74 -38.91 3.23
O5 A1H22 G . -14.52 -36.92 1.93
O6 A1H22 G . -16.14 -38.74 3.37
O3 A1H22 G . -15.61 -33.79 1.57
C6 A1H22 G . -17.04 -33.78 1.67
C7 A1H22 G . -17.53 -32.37 1.73
O4 A1H22 G . -18.91 -32.32 2.01
C1 A1H22 H . -16.27 15.00 13.80
C2 A1H22 H . -15.39 15.08 12.59
C3 A1H22 H . -13.48 15.34 13.97
C4 A1H22 H . -12.25 16.17 14.23
C5 A1H22 H . -11.51 15.72 15.47
C8 A1H22 H . -11.75 15.50 17.84
C9 A1H22 H . -12.63 15.89 18.98
O1 A1H22 H . -17.39 14.16 13.62
O2 A1H22 H . -14.24 15.86 12.88
O5 A1H22 H . -12.35 15.90 16.62
O6 A1H22 H . -13.92 15.32 18.91
#